data_6MU8
#
_entry.id   6MU8
#
_cell.length_a   131.410
_cell.length_b   131.410
_cell.length_c   315.470
_cell.angle_alpha   90.000
_cell.angle_beta   90.000
_cell.angle_gamma   120.000
#
_symmetry.space_group_name_H-M   'P 63'
#
loop_
_entity.id
_entity.type
_entity.pdbx_description
1 polymer 'Envelope glycoprotein gp160'
2 polymer '35O22 scFv heavy chain portion'
3 polymer '35O22 scFv light chain portion'
4 polymer 'Envelope glycoprotein gp160'
5 polymer '3H109L Fab heavy chain'
6 polymer '3H109L Fab light chain'
7 branched alpha-D-mannopyranose-(1-3)-alpha-D-mannopyranose-(1-6)-[alpha-D-mannopyranose-(1-3)]beta-D-mannopyranose-(1-4)-2-acetamido-2-deoxy-beta-D-glucopyranose-(1-4)-2-acetamido-2-deoxy-beta-D-glucopyranose
8 branched beta-D-mannopyranose-(1-4)-2-acetamido-2-deoxy-beta-D-glucopyranose-(1-4)-2-acetamido-2-deoxy-beta-D-glucopyranose
9 branched 2-acetamido-2-deoxy-beta-D-glucopyranose-(1-4)-2-acetamido-2-deoxy-beta-D-glucopyranose
10 branched alpha-D-mannopyranose-(1-2)-alpha-D-mannopyranose-(1-2)-alpha-D-mannopyranose-(1-3)-[alpha-D-mannopyranose-(1-2)-alpha-D-mannopyranose-(1-6)-[alpha-D-mannopyranose-(1-3)]alpha-D-mannopyranose-(1-6)]beta-D-mannopyranose-(1-4)-2-acetamido-2-deoxy-beta-D-glucopyranose-(1-4)-2-acetamido-2-deoxy-beta-D-glucopyranose
11 non-polymer 2-acetamido-2-deoxy-beta-D-glucopyranose
12 non-polymer 1-[4-(benzenecarbonyl)piperazin-1-yl]-2-(4-bromo-7-fluoro-1H-indol-3-yl)ethane-1,2-dione
13 water water
#
loop_
_entity_poly.entity_id
_entity_poly.type
_entity_poly.pdbx_seq_one_letter_code
_entity_poly.pdbx_strand_id
1 'polypeptide(L)'
;AVGIGAVFLGFLGAAGSTMGAASMTLTVQARNLLSGIVQQQSNLLRAPEAQQHLLKLTVWGIKQLQARVLAVERYLRDQQ
LLGIWGCSGKLICCTNVPWNSSWSNRNLSEIWDNMTWLQWDKEISNYTQIIYGLLEESQNQQEKNEQDLLALD
;
B
2 'polypeptide(L)'
;QGQLVQSGATTTKPGSSVKISCKTSGYRFNFYHINWIRQTAGRGPEWMGWISPYSGDKNLAPAFQDRVNMTTDTEVPVTS
FTSTGAAYMEIRNLTSDDTGTYFCAKGLLRDGSSTWLPYLWGQGTLLTVSSAST
;
D
3 'polypeptide(L)'
;SQSVLTQSASVSGSLGQSVTISCTGPNSVCCSHKSISWYQWPPGRAPTLIIYEDNERAPGISPRFSGYKSYWSAYLTISD
LRPEDETTYYCCSYTHNSGCVFGTGTKVSVLGQS
;
E
4 'polypeptide(L)'
;AENLWVTVYYGVPVWKDAETTLFCASDAKAYETEKHNVWATHACVPTDPNPQEIHLENVTEEFNMWKNNMVEQMHTDIIS
LWDQSLKPCVKLTPLCVTLQCTNVTNAITDDMRGELKNCSFNMTTELRDKKQKVYSLFYRLDVVQINENQGNRSNNSNKE
YRLINCNTSAITQACPKVSFEPIPIHYCAPAGFAILKCKDKKFNGTGPCPSVSTVQCTHGIKPVVSTQLLLNGSLAEEEV
MIRSENITNNAKNILVQFNTPVQINCTRPNNNTRKSIRIGPGQAFYATGDIIGDIRQAHCNVSKATWNETLGKVVKQLRK
HFGNNTIIRFANSSGGDLEVTTHSFNCGGEFFYCNTSGLFNSTWISNTSVQGSNSTGSNDSITLPCRIKQIINMWQRIGQ
AMYAPPIQGVIRCVSNITGLILTRDGGSTNSTTETFRPGGGDMRDNWRSELYKYKVVKIEPLGVAPTRCKRRVVGRRRRR
R
;
G
5 'polypeptide(L)'
;QVQLQESGPGLVKPSETLSLTCTVSGGSISNYYWSWIRQSPGKGLEWIGYISDSESTNYNPSLKSRVIISVDTSKNQLSL
KLNSVTAADSAIYYCARAQQGKRIYGMVSFGEFFYYYYMDVWGKGTTVTVSSASTKGPSVFPLAPSSKSTSGGTAALGCL
VKDYFPEPVTVSWNSGALTSGVHTFPAVLQSSGLYSLSSVVTVPSSSLGTQTYICNVNHKPSNTKVDKKVEPKSCDKGLE
VLFQ
;
H
6 'polypeptide(L)'
;SVTSYVRPLSVALGETASISCGRQALGSRAVQWYQHRPGQAPILLIYNNQDRPSGIPERFSGTPDINFGTRATLTISGVE
AGDEADYYCHMWDSRSGFSWSFGGATRLTVLGQPKAAPSVTLFPPSSEELQANKATLVCLISDFYPGAVTVAWKADSSPV
KAGVETTTPSKQSNNKYAASSYLSLTPMQWKMHKSYSCQVTHEGSTVEKTVAPTECS
;
L
#
# COMPACT_ATOMS: atom_id res chain seq x y z
N ALA A 6 21.89 -9.03 45.26
CA ALA A 6 21.48 -7.87 46.05
C ALA A 6 20.55 -6.97 45.24
N VAL A 7 20.98 -5.74 45.01
CA VAL A 7 20.17 -4.77 44.28
C VAL A 7 20.63 -4.67 42.84
N PHE A 8 21.75 -3.97 42.60
CA PHE A 8 22.31 -3.78 41.27
C PHE A 8 21.29 -3.12 40.33
N LEU A 9 21.11 -1.82 40.55
CA LEU A 9 20.15 -1.05 39.77
C LEU A 9 20.62 -0.79 38.34
N GLY A 10 21.88 -1.08 38.02
CA GLY A 10 22.37 -0.88 36.67
C GLY A 10 23.01 0.48 36.47
N PHE A 11 23.39 0.73 35.21
CA PHE A 11 24.02 1.99 34.85
C PHE A 11 23.07 3.16 35.11
N LEU A 12 23.53 4.11 35.93
CA LEU A 12 22.72 5.24 36.38
C LEU A 12 21.45 4.80 37.11
N GLY A 13 21.44 3.57 37.64
CA GLY A 13 20.24 3.03 38.24
C GLY A 13 19.77 3.81 39.46
N ALA A 14 20.71 4.36 40.23
CA ALA A 14 20.39 5.13 41.43
C ALA A 14 20.35 6.63 41.16
N ALA A 15 19.98 7.04 39.95
CA ALA A 15 19.91 8.46 39.64
C ALA A 15 18.83 9.17 40.43
N GLY A 16 17.77 8.45 40.79
CA GLY A 16 16.73 8.98 41.64
C GLY A 16 16.86 8.61 43.11
N SER A 17 17.93 7.92 43.48
CA SER A 17 18.14 7.52 44.86
C SER A 17 18.83 8.64 45.65
N THR A 18 19.00 8.42 46.95
CA THR A 18 19.69 9.39 47.78
C THR A 18 21.18 9.37 47.51
N MET A 19 21.83 10.50 47.82
CA MET A 19 23.26 10.65 47.52
C MET A 19 24.10 9.59 48.24
N GLY A 20 23.69 9.17 49.43
CA GLY A 20 24.43 8.14 50.13
C GLY A 20 24.25 6.77 49.52
N ALA A 21 23.06 6.48 48.97
CA ALA A 21 22.83 5.20 48.33
C ALA A 21 23.53 5.12 46.98
N ALA A 22 23.49 6.20 46.20
CA ALA A 22 24.19 6.22 44.92
C ALA A 22 25.70 6.18 45.10
N SER A 23 26.20 6.67 46.24
CA SER A 23 27.63 6.66 46.56
C SER A 23 28.17 5.28 46.87
N MET A 24 27.39 4.23 46.67
CA MET A 24 27.85 2.85 46.84
C MET A 24 27.86 2.09 45.53
N THR A 25 27.44 2.72 44.43
CA THR A 25 27.43 2.13 43.10
C THR A 25 28.13 3.06 42.11
N LEU A 26 29.37 3.43 42.41
CA LEU A 26 30.14 4.33 41.56
C LEU A 26 30.90 3.60 40.46
N THR A 27 31.33 2.35 40.72
CA THR A 27 31.96 1.55 39.69
C THR A 27 31.03 1.27 38.52
N VAL A 28 29.71 1.31 38.76
CA VAL A 28 28.76 1.04 37.68
C VAL A 28 28.88 2.10 36.60
N GLN A 29 28.95 3.38 37.00
CA GLN A 29 29.12 4.47 36.04
C GLN A 29 30.57 4.72 35.68
N ALA A 30 31.52 4.19 36.46
CA ALA A 30 32.93 4.41 36.15
C ALA A 30 33.38 3.58 34.96
N ARG A 31 32.91 2.34 34.86
CA ARG A 31 33.33 1.45 33.78
C ARG A 31 32.66 1.75 32.46
N ASN A 32 31.55 2.48 32.47
CA ASN A 32 30.80 2.80 31.25
C ASN A 32 31.12 4.19 30.72
N LEU A 33 32.33 4.69 30.99
CA LEU A 33 32.74 6.01 30.52
C LEU A 33 33.71 5.92 29.35
N LEU A 34 33.97 4.73 28.82
CA LEU A 34 35.00 4.61 27.79
C LEU A 34 34.80 3.40 26.89
N SER A 35 33.94 2.46 27.29
CA SER A 35 33.77 1.24 26.51
C SER A 35 32.61 1.35 25.52
N GLY A 36 31.45 0.84 25.92
CA GLY A 36 30.28 0.89 25.04
C GLY A 36 30.46 -0.03 23.85
N ILE A 37 30.13 0.47 22.66
CA ILE A 37 30.34 -0.24 21.40
C ILE A 37 31.07 0.61 20.38
N VAL A 38 31.36 1.87 20.70
CA VAL A 38 32.05 2.79 19.79
C VAL A 38 33.38 2.24 19.26
N HIS A 53 36.94 -3.15 11.30
CA HIS A 53 38.03 -2.64 12.11
C HIS A 53 38.86 -1.62 11.35
N LEU A 54 38.57 -1.45 10.07
CA LEU A 54 39.25 -0.46 9.26
C LEU A 54 38.54 0.89 9.36
N LEU A 55 39.29 1.96 9.07
CA LEU A 55 38.76 3.31 9.11
C LEU A 55 38.43 3.74 7.68
N LYS A 56 37.20 3.46 7.26
CA LYS A 56 36.68 3.99 6.02
C LYS A 56 36.02 5.34 6.29
N LEU A 57 36.27 6.29 5.40
CA LEU A 57 35.74 7.65 5.60
C LEU A 57 34.41 7.81 4.85
N THR A 58 33.41 7.11 5.37
CA THR A 58 32.04 7.21 4.90
C THR A 58 31.22 8.09 5.84
N VAL A 59 29.94 8.22 5.55
CA VAL A 59 29.08 9.04 6.41
C VAL A 59 28.93 8.42 7.78
N TRP A 60 28.94 7.08 7.87
CA TRP A 60 28.93 6.42 9.16
C TRP A 60 30.33 6.28 9.76
N GLY A 61 31.37 6.33 8.92
CA GLY A 61 32.74 6.16 9.39
C GLY A 61 33.31 7.40 10.03
N ILE A 62 33.15 8.55 9.37
CA ILE A 62 33.53 9.82 9.99
C ILE A 62 32.71 10.05 11.25
N LYS A 63 31.47 9.58 11.27
CA LYS A 63 30.63 9.68 12.45
C LYS A 63 31.24 8.91 13.62
N GLN A 64 31.52 7.62 13.41
CA GLN A 64 32.05 6.77 14.46
C GLN A 64 33.41 7.27 14.94
N LEU A 65 34.26 7.74 14.01
CA LEU A 65 35.58 8.22 14.39
C LEU A 65 35.48 9.40 15.35
N GLN A 66 34.51 10.28 15.14
CA GLN A 66 34.29 11.39 16.06
C GLN A 66 33.81 10.89 17.41
N ALA A 67 32.87 9.94 17.41
CA ALA A 67 32.36 9.39 18.67
C ALA A 67 33.46 8.72 19.48
N ARG A 68 34.50 8.23 18.81
CA ARG A 68 35.61 7.59 19.51
C ARG A 68 36.53 8.63 20.16
N VAL A 69 36.90 9.66 19.41
CA VAL A 69 37.85 10.64 19.92
C VAL A 69 37.21 11.50 21.01
N LEU A 70 35.92 11.80 20.87
CA LEU A 70 35.25 12.61 21.89
C LEU A 70 35.20 11.89 23.23
N ALA A 71 35.00 10.57 23.22
CA ALA A 71 34.87 9.82 24.46
C ALA A 71 36.18 9.83 25.24
N VAL A 72 37.31 9.60 24.55
CA VAL A 72 38.60 9.58 25.23
C VAL A 72 38.99 10.97 25.71
N GLU A 73 38.54 12.01 25.02
CA GLU A 73 38.85 13.38 25.44
C GLU A 73 38.17 13.70 26.78
N ARG A 74 36.86 13.51 26.85
CA ARG A 74 36.12 13.84 28.08
C ARG A 74 36.52 12.93 29.23
N TYR A 75 36.96 11.70 28.94
CA TYR A 75 37.40 10.81 30.00
C TYR A 75 38.66 11.32 30.67
N LEU A 76 39.63 11.79 29.88
CA LEU A 76 40.90 12.23 30.44
C LEU A 76 40.81 13.60 31.09
N ARG A 77 39.89 14.45 30.65
CA ARG A 77 39.68 15.72 31.32
C ARG A 77 39.26 15.51 32.77
N ASP A 78 38.38 14.53 33.02
CA ASP A 78 38.01 14.20 34.39
C ASP A 78 39.19 13.62 35.15
N GLN A 79 39.89 12.65 34.53
CA GLN A 79 41.04 12.05 35.19
C GLN A 79 42.18 13.03 35.40
N GLN A 80 42.25 14.10 34.60
CA GLN A 80 43.25 15.13 34.82
C GLN A 80 42.93 15.93 36.07
N LEU A 81 41.67 16.36 36.21
CA LEU A 81 41.26 17.06 37.43
C LEU A 81 41.40 16.16 38.64
N LEU A 82 41.05 14.87 38.49
CA LEU A 82 41.25 13.91 39.57
C LEU A 82 42.72 13.78 39.93
N GLY A 83 43.63 14.11 39.03
CA GLY A 83 45.05 14.03 39.29
C GLY A 83 45.61 15.24 40.02
N ILE A 84 45.17 16.44 39.64
CA ILE A 84 45.71 17.67 40.22
C ILE A 84 45.04 17.93 41.57
N TRP A 85 44.23 16.99 42.02
CA TRP A 85 43.67 17.02 43.38
C TRP A 85 44.19 15.89 44.25
N GLY A 86 45.08 15.04 43.73
CA GLY A 86 45.57 13.92 44.50
C GLY A 86 44.60 12.77 44.62
N CYS A 87 43.72 12.59 43.64
CA CYS A 87 42.69 11.56 43.67
C CYS A 87 42.83 10.60 42.49
N SER A 88 44.06 10.40 42.03
CA SER A 88 44.31 9.55 40.87
C SER A 88 43.91 8.11 41.16
N GLY A 89 42.94 7.60 40.42
CA GLY A 89 42.48 6.24 40.62
C GLY A 89 41.60 6.04 41.83
N LYS A 90 40.87 7.07 42.24
CA LYS A 90 39.97 6.99 43.39
C LYS A 90 38.54 7.22 42.95
N LEU A 91 37.62 6.47 43.54
CA LEU A 91 36.20 6.78 43.44
C LEU A 91 35.74 7.70 44.56
N ILE A 92 36.32 7.55 45.74
CA ILE A 92 36.01 8.40 46.90
C ILE A 92 37.30 8.79 47.59
N CYS A 93 37.80 9.98 47.30
CA CYS A 93 38.93 10.56 47.99
C CYS A 93 38.47 11.70 48.88
N CYS A 94 39.16 11.89 50.00
CA CYS A 94 38.89 13.00 50.90
C CYS A 94 40.01 14.03 50.77
N THR A 95 39.66 15.28 51.03
CA THR A 95 40.57 16.41 50.86
C THR A 95 40.78 17.13 52.18
N ASN A 96 41.54 18.21 52.12
CA ASN A 96 41.75 19.08 53.27
C ASN A 96 41.06 20.42 53.10
N VAL A 97 40.28 20.59 52.04
CA VAL A 97 39.52 21.81 51.81
C VAL A 97 38.24 21.75 52.62
N PRO A 98 38.07 22.59 53.63
CA PRO A 98 36.85 22.54 54.45
C PRO A 98 35.66 23.16 53.74
N TRP A 99 34.47 22.77 54.20
CA TRP A 99 33.23 23.15 53.54
C TRP A 99 32.80 24.54 53.98
N ASN A 100 32.95 25.52 53.09
CA ASN A 100 32.40 26.85 53.31
C ASN A 100 30.88 26.77 53.31
N SER A 101 30.26 27.18 54.42
CA SER A 101 28.81 27.04 54.57
C SER A 101 28.03 27.86 53.54
N SER A 102 28.65 28.89 52.95
CA SER A 102 27.98 29.65 51.91
C SER A 102 27.74 28.84 50.64
N TRP A 103 28.42 27.70 50.49
CA TRP A 103 28.12 26.81 49.37
C TRP A 103 26.76 26.15 49.55
N SER A 104 26.55 25.49 50.70
CA SER A 104 25.25 24.97 51.07
C SER A 104 25.24 24.76 52.58
N ASN A 105 24.30 25.41 53.27
CA ASN A 105 24.17 25.29 54.72
C ASN A 105 23.38 24.06 55.13
N ARG A 106 23.03 23.18 54.20
CA ARG A 106 22.29 21.97 54.52
C ARG A 106 23.11 21.04 55.41
N ASN A 107 22.42 20.29 56.25
CA ASN A 107 23.06 19.33 57.13
C ASN A 107 23.32 18.02 56.40
N LEU A 108 24.17 17.18 57.01
CA LEU A 108 24.52 15.91 56.39
C LEU A 108 23.31 14.99 56.24
N SER A 109 22.57 14.80 57.33
CA SER A 109 21.44 13.88 57.31
C SER A 109 20.33 14.34 56.38
N GLU A 110 20.29 15.62 56.02
CA GLU A 110 19.35 16.13 55.03
C GLU A 110 19.97 16.26 53.64
N ILE A 111 21.14 15.65 53.43
CA ILE A 111 21.77 15.63 52.11
C ILE A 111 21.96 14.17 51.68
N TRP A 112 22.67 13.40 52.49
CA TRP A 112 23.02 12.04 52.12
C TRP A 112 21.89 11.05 52.28
N ASP A 113 20.88 11.39 53.09
CA ASP A 113 19.68 10.58 53.22
C ASP A 113 18.45 11.27 52.63
N ASN A 114 18.65 12.33 51.84
CA ASN A 114 17.54 13.11 51.34
C ASN A 114 17.69 13.44 49.85
N MET A 115 18.70 14.23 49.51
CA MET A 115 18.83 14.72 48.15
C MET A 115 19.41 13.68 47.22
N THR A 116 19.12 13.84 45.93
CA THR A 116 19.74 13.06 44.87
C THR A 116 20.89 13.85 44.26
N TRP A 117 21.81 13.13 43.62
CA TRP A 117 22.98 13.78 43.02
C TRP A 117 22.60 14.77 41.93
N LEU A 118 21.45 14.60 41.28
CA LEU A 118 21.06 15.54 40.22
C LEU A 118 20.69 16.90 40.79
N GLN A 119 19.79 16.93 41.78
CA GLN A 119 19.41 18.20 42.38
C GLN A 119 20.54 18.82 43.19
N TRP A 120 21.42 17.99 43.74
CA TRP A 120 22.58 18.51 44.46
C TRP A 120 23.51 19.28 43.51
N ASP A 121 23.76 18.71 42.33
CA ASP A 121 24.53 19.42 41.32
C ASP A 121 23.82 20.68 40.83
N LYS A 122 22.49 20.72 40.96
CA LYS A 122 21.74 21.87 40.50
C LYS A 122 21.98 23.09 41.40
N GLU A 123 22.11 22.87 42.70
CA GLU A 123 22.26 23.97 43.64
C GLU A 123 23.72 24.28 43.98
N ILE A 124 24.62 23.30 43.82
CA ILE A 124 26.04 23.53 44.04
C ILE A 124 26.75 23.97 42.77
N SER A 125 26.04 24.05 41.64
CA SER A 125 26.67 24.34 40.36
C SER A 125 27.37 25.69 40.34
N ASN A 126 26.88 26.66 41.12
CA ASN A 126 27.49 27.99 41.13
C ASN A 126 28.94 27.93 41.60
N TYR A 127 29.17 27.31 42.76
CA TYR A 127 30.47 27.30 43.39
C TYR A 127 31.36 26.15 42.94
N THR A 128 30.97 25.43 41.88
CA THR A 128 31.77 24.28 41.46
C THR A 128 33.14 24.71 40.94
N GLN A 129 33.24 25.91 40.36
CA GLN A 129 34.55 26.39 39.90
C GLN A 129 35.39 26.90 41.04
N ILE A 130 34.76 27.40 42.11
CA ILE A 130 35.52 27.84 43.28
C ILE A 130 36.15 26.65 43.97
N ILE A 131 35.39 25.58 44.16
CA ILE A 131 35.89 24.40 44.87
C ILE A 131 37.04 23.76 44.10
N TYR A 132 36.95 23.77 42.76
CA TYR A 132 37.97 23.12 41.94
C TYR A 132 39.32 23.82 42.04
N GLY A 133 39.36 25.07 42.51
CA GLY A 133 40.62 25.76 42.68
C GLY A 133 41.24 25.52 44.04
N LEU A 134 40.39 25.43 45.07
CA LEU A 134 40.89 25.18 46.42
C LEU A 134 41.58 23.83 46.51
N LEU A 135 41.00 22.81 45.87
CA LEU A 135 41.61 21.49 45.87
C LEU A 135 42.90 21.46 45.04
N GLU A 136 43.00 22.36 44.05
CA GLU A 136 44.14 22.32 43.14
C GLU A 136 45.42 22.80 43.81
N GLU A 137 45.33 23.87 44.60
CA GLU A 137 46.51 24.37 45.31
C GLU A 137 46.77 23.62 46.60
N SER A 138 45.74 23.05 47.23
CA SER A 138 45.95 22.18 48.37
C SER A 138 46.77 20.96 48.01
N GLN A 139 46.69 20.52 46.76
CA GLN A 139 47.51 19.40 46.30
C GLN A 139 48.90 19.86 45.89
N ASN A 140 49.03 21.09 45.39
CA ASN A 140 50.36 21.61 45.08
C ASN A 140 51.14 21.92 46.34
N GLN A 141 50.46 22.25 47.43
CA GLN A 141 51.12 22.53 48.70
C GLN A 141 51.35 21.27 49.54
N GLN A 142 50.48 20.26 49.39
CA GLN A 142 50.67 19.01 50.13
C GLN A 142 51.88 18.25 49.62
N GLU A 143 52.09 18.24 48.30
CA GLU A 143 53.25 17.57 47.73
C GLU A 143 54.53 18.36 47.94
N LYS A 144 54.43 19.67 48.15
CA LYS A 144 55.59 20.45 48.57
C LYS A 144 55.95 20.20 50.02
N ASN A 145 54.96 19.95 50.87
CA ASN A 145 55.23 19.60 52.26
C ASN A 145 55.78 18.19 52.38
N GLU A 146 55.28 17.27 51.55
CA GLU A 146 55.79 15.90 51.59
C GLU A 146 57.25 15.83 51.17
N GLN A 147 57.67 16.70 50.26
CA GLN A 147 59.08 16.75 49.88
C GLN A 147 59.93 17.34 51.01
N ASP A 148 59.42 18.37 51.68
CA ASP A 148 60.14 18.98 52.78
C ASP A 148 60.24 18.06 53.99
N LEU A 149 59.40 17.03 54.06
CA LEU A 149 59.44 16.10 55.19
C LEU A 149 60.38 14.93 54.93
N LEU A 150 60.47 14.46 53.68
CA LEU A 150 61.40 13.39 53.31
C LEU A 150 62.80 13.90 53.02
N ALA A 151 63.10 15.16 53.36
CA ALA A 151 64.42 15.73 53.19
C ALA A 151 65.32 15.49 54.39
N LEU A 152 65.01 14.50 55.20
CA LEU A 152 65.80 14.20 56.39
C LEU A 152 65.95 12.70 56.59
N GLN B 1 10.76 23.95 50.04
CA GLN B 1 9.41 24.45 50.22
C GLN B 1 8.47 23.35 50.73
N GLY B 2 7.28 23.30 50.13
CA GLY B 2 6.31 22.26 50.49
C GLY B 2 5.07 22.86 51.11
N GLN B 3 3.92 22.46 50.58
CA GLN B 3 2.62 22.89 51.08
C GLN B 3 1.70 21.67 51.12
N LEU B 4 0.81 21.64 52.13
CA LEU B 4 -0.13 20.54 52.31
C LEU B 4 -1.49 21.14 52.69
N VAL B 5 -2.25 21.56 51.68
CA VAL B 5 -3.57 22.12 51.91
C VAL B 5 -4.53 21.00 52.28
N GLN B 6 -5.33 21.23 53.33
CA GLN B 6 -6.27 20.24 53.82
C GLN B 6 -7.69 20.58 53.38
N SER B 7 -8.61 19.68 53.68
CA SER B 7 -10.00 19.81 53.23
C SER B 7 -10.75 20.85 54.06
N GLY B 8 -12.08 20.82 53.98
CA GLY B 8 -12.91 21.74 54.72
C GLY B 8 -13.13 21.28 56.15
N ALA B 9 -13.56 22.22 56.99
CA ALA B 9 -13.82 21.93 58.39
C ALA B 9 -15.30 21.76 58.68
N THR B 10 -15.96 20.82 58.00
CA THR B 10 -17.37 20.55 58.21
C THR B 10 -17.55 19.41 59.20
N THR B 11 -18.78 19.29 59.71
CA THR B 11 -19.06 18.40 60.84
C THR B 11 -20.24 17.48 60.52
N THR B 12 -20.16 16.27 61.05
CA THR B 12 -21.28 15.33 61.00
C THR B 12 -21.53 14.85 62.43
N LYS B 13 -22.27 13.76 62.57
CA LYS B 13 -22.68 13.19 63.84
C LYS B 13 -22.23 11.73 63.94
N PRO B 14 -22.23 11.14 65.17
CA PRO B 14 -21.73 9.77 65.35
C PRO B 14 -22.33 8.74 64.41
N GLY B 15 -21.59 7.65 64.20
CA GLY B 15 -22.00 6.58 63.32
C GLY B 15 -21.56 6.75 61.88
N SER B 16 -21.19 7.96 61.47
CA SER B 16 -20.88 8.25 60.07
C SER B 16 -19.46 7.84 59.70
N SER B 17 -18.97 8.37 58.58
CA SER B 17 -17.63 8.09 58.09
C SER B 17 -17.23 9.20 57.13
N VAL B 18 -16.21 9.97 57.48
CA VAL B 18 -15.84 11.17 56.73
C VAL B 18 -14.51 10.94 56.04
N LYS B 19 -14.24 11.77 55.03
CA LYS B 19 -13.00 11.71 54.26
C LYS B 19 -12.28 13.05 54.36
N ILE B 20 -11.00 13.00 54.70
CA ILE B 20 -10.16 14.19 54.83
C ILE B 20 -9.13 14.18 53.71
N SER B 21 -9.03 15.29 52.99
CA SER B 21 -8.12 15.41 51.86
C SER B 21 -6.91 16.24 52.24
N CYS B 22 -5.77 15.91 51.63
CA CYS B 22 -4.51 16.62 51.84
C CYS B 22 -3.82 16.73 50.49
N LYS B 23 -3.70 17.96 49.97
CA LYS B 23 -3.15 18.20 48.65
C LYS B 23 -1.76 18.83 48.79
N THR B 24 -0.77 18.25 48.12
CA THR B 24 0.62 18.64 48.28
C THR B 24 1.16 19.31 47.02
N SER B 25 2.15 20.18 47.21
CA SER B 25 2.81 20.87 46.12
C SER B 25 4.26 21.12 46.51
N GLY B 26 5.04 21.60 45.54
CA GLY B 26 6.39 22.08 45.81
C GLY B 26 7.40 21.02 46.19
N TYR B 27 7.00 19.75 46.21
CA TYR B 27 7.92 18.67 46.53
C TYR B 27 7.44 17.39 45.87
N ARG B 28 8.39 16.47 45.68
CA ARG B 28 8.09 15.17 45.10
C ARG B 28 7.23 14.36 46.07
N PHE B 29 5.94 14.21 45.71
CA PHE B 29 4.98 13.58 46.61
C PHE B 29 5.36 12.13 46.93
N ASN B 30 6.06 11.46 46.03
CA ASN B 30 6.38 10.04 46.22
C ASN B 30 7.59 9.80 47.12
N PHE B 31 8.40 10.82 47.40
CA PHE B 31 9.66 10.60 48.10
C PHE B 31 9.53 10.61 49.62
N TYR B 32 8.37 11.00 50.17
CA TYR B 32 8.20 11.05 51.62
C TYR B 32 6.84 10.48 51.98
N HIS B 33 6.76 9.89 53.16
CA HIS B 33 5.51 9.34 53.67
C HIS B 33 4.50 10.46 53.92
N ILE B 34 3.27 10.06 54.21
CA ILE B 34 2.19 10.98 54.59
C ILE B 34 1.61 10.50 55.90
N ASN B 35 1.74 11.31 56.95
CA ASN B 35 1.25 10.97 58.28
C ASN B 35 -0.09 11.64 58.55
N TRP B 36 -0.86 11.01 59.44
CA TRP B 36 -2.13 11.54 59.92
C TRP B 36 -2.05 11.66 61.43
N ILE B 37 -2.24 12.87 61.95
CA ILE B 37 -2.12 13.16 63.36
C ILE B 37 -3.41 13.79 63.85
N ARG B 38 -3.80 13.47 65.09
CA ARG B 38 -5.05 13.92 65.67
C ARG B 38 -4.78 14.65 66.98
N GLN B 39 -5.32 15.86 67.12
CA GLN B 39 -5.20 16.65 68.34
C GLN B 39 -6.59 16.77 68.96
N THR B 40 -7.00 15.71 69.67
CA THR B 40 -8.27 15.75 70.36
C THR B 40 -8.19 16.67 71.58
N ALA B 41 -9.36 17.11 72.04
CA ALA B 41 -9.45 17.97 73.22
C ALA B 41 -9.43 17.19 74.53
N GLY B 42 -9.91 15.94 74.52
CA GLY B 42 -9.93 15.14 75.73
C GLY B 42 -8.89 14.05 75.76
N ARG B 43 -7.75 14.29 75.12
CA ARG B 43 -6.65 13.34 75.08
C ARG B 43 -5.41 14.06 74.56
N GLY B 44 -4.24 13.50 74.89
CA GLY B 44 -3.00 13.97 74.32
C GLY B 44 -2.95 13.69 72.84
N PRO B 45 -2.18 14.49 72.10
CA PRO B 45 -2.09 14.29 70.64
C PRO B 45 -1.67 12.87 70.30
N GLU B 46 -2.35 12.30 69.29
CA GLU B 46 -2.17 10.91 68.91
C GLU B 46 -1.67 10.81 67.47
N TRP B 47 -0.67 9.96 67.26
CA TRP B 47 -0.23 9.61 65.92
C TRP B 47 -1.12 8.50 65.38
N MET B 48 -1.82 8.78 64.28
CA MET B 48 -2.73 7.78 63.73
C MET B 48 -1.99 6.81 62.82
N GLY B 49 -1.22 7.32 61.86
CA GLY B 49 -0.42 6.45 61.02
C GLY B 49 0.08 7.16 59.79
N TRP B 50 1.07 6.54 59.16
CA TRP B 50 1.66 7.03 57.93
C TRP B 50 1.45 6.05 56.80
N ILE B 51 1.62 6.54 55.57
CA ILE B 51 1.46 5.77 54.36
C ILE B 51 2.50 6.23 53.34
N SER B 52 2.84 5.34 52.41
CA SER B 52 3.88 5.62 51.43
C SER B 52 3.26 5.97 50.09
N PRO B 53 3.38 7.22 49.62
CA PRO B 53 2.91 7.54 48.26
C PRO B 53 3.68 6.83 47.16
N TYR B 54 4.75 6.12 47.49
CA TYR B 54 5.56 5.40 46.52
C TYR B 54 5.33 3.89 46.60
N SER B 55 5.60 3.28 47.75
CA SER B 55 5.45 1.85 47.95
C SER B 55 4.04 1.44 48.32
N GLY B 56 3.15 2.39 48.60
CA GLY B 56 1.80 2.06 49.02
C GLY B 56 1.70 1.44 50.40
N ASP B 57 2.82 1.13 51.04
CA ASP B 57 2.81 0.48 52.33
C ASP B 57 2.34 1.45 53.41
N LYS B 58 1.30 1.06 54.13
CA LYS B 58 0.73 1.86 55.20
C LYS B 58 1.05 1.24 56.54
N ASN B 59 0.97 2.06 57.59
CA ASN B 59 1.24 1.59 58.94
C ASN B 59 0.54 2.53 59.92
N LEU B 60 -0.41 1.99 60.68
CA LEU B 60 -1.20 2.75 61.62
C LEU B 60 -0.98 2.24 63.04
N ALA B 61 -1.35 3.07 64.01
CA ALA B 61 -1.30 2.65 65.41
C ALA B 61 -2.35 1.59 65.66
N PRO B 62 -2.11 0.69 66.63
CA PRO B 62 -3.11 -0.35 66.92
C PRO B 62 -4.42 0.20 67.45
N ALA B 63 -4.46 1.45 67.90
CA ALA B 63 -5.73 2.06 68.29
C ALA B 63 -6.62 2.34 67.10
N PHE B 64 -6.04 2.49 65.90
CA PHE B 64 -6.78 2.71 64.67
C PHE B 64 -6.64 1.54 63.71
N GLN B 65 -6.34 0.35 64.24
CA GLN B 65 -5.94 -0.78 63.38
C GLN B 65 -7.04 -1.15 62.39
N ASP B 66 -8.24 -1.40 62.89
CA ASP B 66 -9.36 -1.74 62.01
C ASP B 66 -10.45 -0.68 62.12
N ARG B 67 -10.09 0.57 61.87
CA ARG B 67 -11.05 1.67 61.91
C ARG B 67 -10.70 2.80 60.96
N VAL B 68 -9.64 2.69 60.17
CA VAL B 68 -9.16 3.79 59.33
C VAL B 68 -8.70 3.24 58.00
N ASN B 69 -9.13 3.87 56.90
CA ASN B 69 -8.70 3.54 55.55
C ASN B 69 -7.86 4.70 55.04
N MET B 70 -6.56 4.45 54.84
CA MET B 70 -5.65 5.45 54.29
C MET B 70 -5.35 5.14 52.83
N THR B 71 -5.57 6.12 51.97
CA THR B 71 -5.33 5.95 50.54
C THR B 71 -4.67 7.19 49.97
N THR B 72 -3.80 6.99 48.99
CA THR B 72 -3.19 8.07 48.23
C THR B 72 -3.22 7.69 46.75
N ASP B 73 -3.44 8.69 45.90
CA ASP B 73 -3.38 8.49 44.46
C ASP B 73 -2.03 8.92 43.92
N THR B 74 -1.73 8.50 42.69
CA THR B 74 -0.44 8.75 42.09
C THR B 74 -0.25 10.24 41.81
N GLU B 75 1.01 10.66 41.78
CA GLU B 75 1.36 12.07 41.65
C GLU B 75 1.23 12.54 40.21
N VAL B 76 1.36 13.86 40.03
CA VAL B 76 1.36 14.49 38.72
C VAL B 76 2.63 15.30 38.58
N PRO B 77 3.57 14.89 37.72
CA PRO B 77 4.85 15.61 37.60
C PRO B 77 4.64 17.03 37.10
N VAL B 78 5.21 17.99 37.84
CA VAL B 78 5.23 19.39 37.45
C VAL B 78 6.58 19.79 36.87
N THR B 79 7.66 19.52 37.60
CA THR B 79 9.01 19.62 37.06
C THR B 79 9.80 18.36 37.38
N SER B 80 11.14 18.43 37.30
CA SER B 80 11.92 17.23 37.55
C SER B 80 11.90 16.86 39.02
N PHE B 81 11.63 17.83 39.89
CA PHE B 81 11.61 17.58 41.32
C PHE B 81 10.33 18.03 42.00
N THR B 82 9.34 18.52 41.26
CA THR B 82 8.09 19.01 41.83
C THR B 82 6.93 18.21 41.27
N SER B 83 6.03 17.79 42.15
CA SER B 83 4.83 17.08 41.73
C SER B 83 3.67 17.50 42.65
N THR B 84 2.47 17.04 42.29
CA THR B 84 1.27 17.30 43.08
C THR B 84 0.61 15.97 43.40
N GLY B 85 0.18 15.81 44.66
CA GLY B 85 -0.40 14.58 45.11
C GLY B 85 -1.59 14.82 46.04
N ALA B 86 -2.12 13.72 46.57
CA ALA B 86 -3.27 13.79 47.47
C ALA B 86 -3.27 12.56 48.37
N ALA B 87 -3.75 12.77 49.60
CA ALA B 87 -3.88 11.70 50.59
C ALA B 87 -5.25 11.77 51.22
N TYR B 88 -5.79 10.59 51.56
CA TYR B 88 -7.16 10.49 52.05
C TYR B 88 -7.20 9.76 53.37
N MET B 89 -8.17 10.14 54.21
CA MET B 89 -8.31 9.63 55.57
C MET B 89 -9.77 9.30 55.84
N GLU B 90 -10.01 8.16 56.49
CA GLU B 90 -11.36 7.69 56.75
C GLU B 90 -11.42 7.07 58.14
N ILE B 91 -12.64 7.05 58.70
CA ILE B 91 -12.90 6.45 60.00
C ILE B 91 -14.16 5.58 59.89
N ARG B 92 -14.14 4.44 60.59
CA ARG B 92 -15.23 3.47 60.49
C ARG B 92 -16.24 3.61 61.62
N ASN B 93 -16.03 2.85 62.70
CA ASN B 93 -16.95 2.92 63.84
C ASN B 93 -16.78 4.24 64.58
N LEU B 94 -17.28 5.32 63.98
CA LEU B 94 -17.01 6.67 64.44
C LEU B 94 -18.07 7.13 65.45
N THR B 95 -17.62 7.84 66.48
CA THR B 95 -18.51 8.42 67.48
C THR B 95 -18.23 9.92 67.58
N SER B 96 -18.75 10.56 68.62
CA SER B 96 -18.48 11.97 68.86
C SER B 96 -17.29 12.20 69.79
N ASP B 97 -16.74 11.15 70.37
CA ASP B 97 -15.56 11.28 71.22
C ASP B 97 -14.28 11.47 70.42
N ASP B 98 -14.31 11.24 69.11
CA ASP B 98 -13.16 11.44 68.24
C ASP B 98 -13.09 12.88 67.70
N THR B 99 -13.52 13.85 68.49
CA THR B 99 -13.60 15.24 68.04
C THR B 99 -12.26 15.95 68.30
N GLY B 100 -11.87 16.79 67.35
CA GLY B 100 -10.66 17.57 67.50
C GLY B 100 -10.20 18.12 66.16
N THR B 101 -8.93 18.52 66.12
CA THR B 101 -8.30 19.04 64.92
C THR B 101 -7.42 17.96 64.30
N TYR B 102 -7.51 17.82 62.98
CA TYR B 102 -6.80 16.78 62.24
C TYR B 102 -5.78 17.42 61.30
N PHE B 103 -4.57 16.87 61.29
CA PHE B 103 -3.48 17.36 60.45
C PHE B 103 -2.95 16.27 59.56
N CYS B 104 -2.36 16.68 58.43
CA CYS B 104 -1.56 15.79 57.59
C CYS B 104 -0.14 16.31 57.55
N ALA B 105 0.83 15.40 57.65
CA ALA B 105 2.23 15.78 57.71
C ALA B 105 3.06 14.77 56.91
N LYS B 106 3.96 15.28 56.09
CA LYS B 106 4.82 14.42 55.27
C LYS B 106 6.06 14.00 56.05
N GLY B 107 6.74 12.98 55.53
CA GLY B 107 7.94 12.48 56.17
C GLY B 107 9.07 13.49 56.18
N LEU B 108 10.09 13.16 56.96
CA LEU B 108 11.24 14.05 57.16
C LEU B 108 12.30 13.81 56.09
N LEU B 109 12.94 12.64 56.14
CA LEU B 109 13.99 12.28 55.20
C LEU B 109 13.52 11.12 54.32
N ARG B 110 14.36 10.78 53.34
CA ARG B 110 14.09 9.66 52.45
C ARG B 110 14.76 8.37 52.88
N ASP B 111 15.70 8.43 53.82
CA ASP B 111 16.41 7.25 54.29
C ASP B 111 16.96 7.54 55.68
N GLY B 112 17.37 6.48 56.37
CA GLY B 112 17.99 6.61 57.67
C GLY B 112 17.16 6.08 58.81
N SER B 113 17.18 6.77 59.94
CA SER B 113 16.42 6.38 61.12
C SER B 113 15.21 7.26 61.38
N SER B 114 15.07 8.36 60.65
CA SER B 114 13.95 9.29 60.79
C SER B 114 13.32 9.57 59.43
N THR B 115 12.94 8.49 58.73
CA THR B 115 12.42 8.63 57.37
C THR B 115 11.00 9.22 57.38
N TRP B 116 10.08 8.57 58.09
CA TRP B 116 8.67 8.91 58.05
C TRP B 116 8.29 10.07 58.97
N LEU B 117 9.23 10.61 59.73
CA LEU B 117 8.90 11.53 60.82
C LEU B 117 8.11 12.72 60.30
N PRO B 118 6.92 12.99 60.86
CA PRO B 118 6.12 14.14 60.40
C PRO B 118 6.86 15.46 60.54
N TYR B 119 7.29 16.02 59.42
CA TYR B 119 8.12 17.22 59.40
C TYR B 119 7.39 18.46 58.88
N LEU B 120 6.58 18.32 57.84
CA LEU B 120 5.88 19.45 57.23
C LEU B 120 4.38 19.22 57.34
N TRP B 121 3.69 20.14 58.03
CA TRP B 121 2.31 19.96 58.42
C TRP B 121 1.36 20.83 57.62
N GLY B 122 0.08 20.46 57.64
CA GLY B 122 -0.96 21.27 57.05
C GLY B 122 -1.58 22.23 58.06
N GLN B 123 -2.60 22.96 57.60
CA GLN B 123 -3.23 23.95 58.46
C GLN B 123 -4.27 23.38 59.41
N GLY B 124 -4.60 22.10 59.28
CA GLY B 124 -5.54 21.46 60.17
C GLY B 124 -6.98 21.66 59.74
N THR B 125 -7.86 20.81 60.29
CA THR B 125 -9.28 20.85 59.99
C THR B 125 -10.06 20.55 61.27
N LEU B 126 -11.14 21.30 61.47
CA LEU B 126 -12.01 21.12 62.62
C LEU B 126 -13.07 20.06 62.32
N LEU B 127 -13.38 19.24 63.32
CA LEU B 127 -14.29 18.10 63.18
C LEU B 127 -15.58 18.38 63.94
N THR B 128 -16.37 17.32 64.15
CA THR B 128 -17.68 17.41 64.80
C THR B 128 -17.62 18.08 66.17
N VAL C 4 1.76 7.38 78.46
CA VAL C 4 2.72 6.61 79.24
C VAL C 4 4.06 7.32 79.24
N LEU C 5 4.21 8.28 78.31
CA LEU C 5 5.38 9.15 78.25
C LEU C 5 5.03 10.45 78.96
N THR C 6 5.45 10.56 80.21
CA THR C 6 5.09 11.72 81.03
C THR C 6 6.08 12.85 80.79
N GLN C 7 5.55 14.06 80.56
CA GLN C 7 6.36 15.26 80.44
C GLN C 7 6.34 16.00 81.77
N SER C 8 6.89 17.21 81.78
CA SER C 8 6.80 18.06 82.95
C SER C 8 5.38 18.58 83.10
N ALA C 9 4.97 18.83 84.35
CA ALA C 9 3.67 19.44 84.61
C ALA C 9 3.58 20.79 83.92
N SER C 10 4.50 21.70 84.25
CA SER C 10 4.67 22.99 83.59
C SER C 10 5.92 23.62 84.16
N VAL C 11 6.24 24.83 83.67
CA VAL C 11 7.38 25.62 84.12
C VAL C 11 7.41 26.90 83.30
N SER C 12 8.29 27.83 83.66
CA SER C 12 8.51 29.04 82.88
C SER C 12 9.86 29.61 83.26
N GLY C 13 10.17 30.80 82.73
CA GLY C 13 11.41 31.48 83.05
C GLY C 13 11.28 32.97 82.83
N SER C 14 12.30 33.58 82.22
CA SER C 14 12.24 34.99 81.88
C SER C 14 13.16 35.24 80.68
N LEU C 15 12.93 36.37 80.02
CA LEU C 15 13.65 36.71 78.80
C LEU C 15 15.16 36.73 79.03
N GLY C 16 15.87 35.82 78.38
CA GLY C 16 17.31 35.73 78.54
C GLY C 16 17.73 34.42 79.20
N GLN C 17 16.90 33.93 80.13
CA GLN C 17 17.21 32.69 80.84
C GLN C 17 16.94 31.47 79.96
N SER C 18 16.82 30.30 80.57
CA SER C 18 16.61 29.06 79.85
C SER C 18 15.52 28.24 80.52
N VAL C 19 15.11 27.18 79.83
CA VAL C 19 14.11 26.23 80.30
C VAL C 19 14.71 24.83 80.20
N THR C 20 14.10 23.88 80.93
CA THR C 20 14.53 22.48 80.90
C THR C 20 13.29 21.60 81.02
N ILE C 21 12.72 21.23 79.88
CA ILE C 21 11.59 20.31 79.86
C ILE C 21 12.10 18.87 80.02
N SER C 22 11.21 17.98 80.45
CA SER C 22 11.54 16.59 80.67
C SER C 22 10.55 15.69 79.95
N CYS C 23 10.89 14.40 79.88
CA CYS C 23 10.12 13.41 79.16
C CYS C 23 10.66 12.01 79.47
N THR C 24 9.86 11.18 80.12
CA THR C 24 10.32 9.85 80.54
C THR C 24 9.14 8.88 80.53
N GLY C 25 9.44 7.63 80.83
CA GLY C 25 8.45 6.57 80.89
C GLY C 25 9.07 5.26 81.30
N PRO C 26 8.31 4.16 81.15
CA PRO C 26 8.86 2.84 81.48
C PRO C 26 9.73 2.27 80.36
N ASN C 27 9.96 0.97 80.39
CA ASN C 27 10.70 0.30 79.32
C ASN C 27 9.86 0.09 78.07
N SER C 28 8.64 0.64 78.03
CA SER C 28 7.75 0.48 76.89
C SER C 28 7.99 1.52 75.81
N VAL C 29 8.46 2.72 76.18
CA VAL C 29 8.58 3.83 75.24
C VAL C 29 9.78 4.71 75.59
N CYS C 30 10.78 4.15 76.26
CA CYS C 30 11.85 4.97 76.81
C CYS C 30 12.92 4.05 77.37
N CYS C 31 14.19 4.34 77.08
CA CYS C 31 14.61 5.43 76.18
C CYS C 31 15.87 5.04 75.41
N SER C 32 16.71 4.19 76.02
CA SER C 32 18.00 3.86 75.44
C SER C 32 17.88 3.14 74.10
N HIS C 33 16.73 2.53 73.81
CA HIS C 33 16.48 1.87 72.54
C HIS C 33 15.43 2.59 71.71
N LYS C 34 15.28 3.89 71.92
CA LYS C 34 14.32 4.70 71.17
C LYS C 34 14.93 6.06 70.88
N SER C 35 14.40 6.71 69.84
CA SER C 35 14.76 8.07 69.51
C SER C 35 13.68 9.03 69.98
N ILE C 36 14.10 10.23 70.38
CA ILE C 36 13.22 11.22 70.97
C ILE C 36 13.15 12.44 70.06
N SER C 37 11.93 12.87 69.75
CA SER C 37 11.69 14.07 68.96
C SER C 37 10.86 15.07 69.77
N TRP C 38 11.12 16.35 69.54
CA TRP C 38 10.47 17.43 70.28
C TRP C 38 9.75 18.35 69.29
N TYR C 39 8.45 18.55 69.50
CA TYR C 39 7.63 19.36 68.62
C TYR C 39 7.14 20.60 69.36
N GLN C 40 7.36 21.77 68.77
CA GLN C 40 6.70 22.99 69.23
C GLN C 40 5.30 23.04 68.63
N TRP C 41 4.29 23.10 69.49
CA TRP C 41 2.91 22.90 69.06
C TRP C 41 1.99 23.93 69.71
N PRO C 42 1.77 25.06 69.04
CA PRO C 42 0.73 25.99 69.50
C PRO C 42 -0.63 25.32 69.49
N PRO C 43 -1.49 25.62 70.46
CA PRO C 43 -2.77 24.89 70.59
C PRO C 43 -3.67 25.15 69.38
N GLY C 44 -3.96 24.08 68.64
CA GLY C 44 -4.83 24.20 67.48
C GLY C 44 -4.24 25.00 66.34
N ARG C 45 -2.99 24.70 65.98
CA ARG C 45 -2.30 25.40 64.91
C ARG C 45 -1.29 24.46 64.27
N ALA C 46 -0.57 24.98 63.29
CA ALA C 46 0.42 24.19 62.57
C ALA C 46 1.63 23.91 63.46
N PRO C 47 1.91 22.64 63.79
CA PRO C 47 3.07 22.35 64.66
C PRO C 47 4.40 22.60 63.96
N THR C 48 5.49 22.34 64.66
CA THR C 48 6.83 22.53 64.11
C THR C 48 7.78 21.52 64.72
N LEU C 49 8.60 20.89 63.88
CA LEU C 49 9.63 19.97 64.37
C LEU C 49 10.82 20.77 64.86
N ILE C 50 11.17 20.61 66.12
CA ILE C 50 12.29 21.32 66.73
C ILE C 50 13.55 20.47 66.75
N ILE C 51 13.46 19.26 67.28
CA ILE C 51 14.62 18.39 67.48
C ILE C 51 14.19 16.95 67.25
N TYR C 52 15.05 16.17 66.59
CA TYR C 52 14.80 14.75 66.38
C TYR C 52 16.10 13.98 66.65
N GLU C 53 15.94 12.66 66.83
CA GLU C 53 17.07 11.76 67.10
C GLU C 53 17.87 12.20 68.32
N ASP C 54 17.15 12.60 69.37
CA ASP C 54 17.68 12.99 70.68
C ASP C 54 18.91 13.90 70.57
N ASN C 55 18.80 14.93 69.70
CA ASN C 55 19.50 16.22 69.76
C ASN C 55 19.80 16.86 68.40
N GLU C 56 19.29 16.30 67.31
CA GLU C 56 19.55 16.87 65.99
C GLU C 56 18.44 17.85 65.64
N ARG C 57 18.81 19.13 65.51
CA ARG C 57 17.83 20.16 65.22
C ARG C 57 17.35 20.06 63.77
N ALA C 58 16.11 20.49 63.54
CA ALA C 58 15.56 20.56 62.20
C ALA C 58 16.20 21.72 61.44
N PRO C 59 16.11 21.71 60.10
CA PRO C 59 16.70 22.82 59.33
C PRO C 59 16.02 24.15 59.59
N GLY C 60 16.68 25.03 60.33
CA GLY C 60 16.15 26.34 60.66
C GLY C 60 15.90 26.58 62.14
N ILE C 61 16.05 25.56 62.98
CA ILE C 61 15.80 25.74 64.41
C ILE C 61 16.93 26.55 65.03
N SER C 62 16.58 27.44 65.95
CA SER C 62 17.56 28.30 66.58
C SER C 62 18.59 27.47 67.36
N PRO C 63 19.87 27.84 67.33
CA PRO C 63 20.89 27.09 68.08
C PRO C 63 20.70 27.10 69.59
N ARG C 64 19.73 27.86 70.13
CA ARG C 64 19.45 27.82 71.57
C ARG C 64 18.66 26.57 71.96
N PHE C 65 17.84 26.06 71.05
CA PHE C 65 17.16 24.78 71.28
C PHE C 65 18.18 23.66 71.30
N SER C 66 18.13 22.84 72.34
CA SER C 66 19.09 21.75 72.49
C SER C 66 18.40 20.55 73.13
N GLY C 67 18.88 19.36 72.77
CA GLY C 67 18.35 18.13 73.31
C GLY C 67 19.43 17.30 73.97
N TYR C 68 19.03 16.54 74.98
CA TYR C 68 19.92 15.65 75.70
C TYR C 68 19.12 14.46 76.19
N LYS C 69 19.70 13.27 76.10
CA LYS C 69 19.02 12.05 76.48
C LYS C 69 19.88 11.27 77.46
N SER C 70 19.36 11.06 78.66
CA SER C 70 19.95 10.13 79.60
C SER C 70 19.41 8.72 79.35
N TYR C 71 19.96 7.76 80.07
CA TYR C 71 19.50 6.38 79.91
C TYR C 71 18.09 6.16 80.44
N TRP C 72 17.47 7.16 81.05
CA TRP C 72 16.14 7.01 81.65
C TRP C 72 15.20 8.18 81.38
N SER C 73 15.65 9.28 80.79
CA SER C 73 14.79 10.42 80.54
C SER C 73 15.43 11.32 79.49
N ALA C 74 14.59 11.96 78.69
CA ALA C 74 15.02 12.85 77.63
C ALA C 74 14.68 14.29 77.98
N TYR C 75 15.58 15.20 77.66
CA TYR C 75 15.44 16.61 78.02
C TYR C 75 15.45 17.50 76.78
N LEU C 76 14.88 18.69 76.94
CA LEU C 76 14.87 19.71 75.88
C LEU C 76 15.09 21.06 76.54
N THR C 77 16.28 21.63 76.35
CA THR C 77 16.58 22.95 76.88
C THR C 77 16.23 24.02 75.86
N ILE C 78 15.80 25.17 76.35
CA ILE C 78 15.42 26.29 75.49
C ILE C 78 16.12 27.55 75.98
N SER C 79 17.38 27.72 75.57
CA SER C 79 18.19 28.84 76.06
C SER C 79 17.72 30.16 75.43
N ASP C 80 18.11 31.25 76.10
CA ASP C 80 17.82 32.62 75.64
C ASP C 80 16.38 32.79 75.20
N LEU C 81 15.46 32.89 76.15
CA LEU C 81 14.04 32.90 75.84
C LEU C 81 13.65 34.15 75.07
N ARG C 82 12.52 34.05 74.36
CA ARG C 82 11.99 35.12 73.55
C ARG C 82 10.48 35.07 73.63
N PRO C 83 9.79 36.15 73.20
CA PRO C 83 8.32 36.18 73.34
C PRO C 83 7.59 34.99 72.72
N GLU C 84 7.98 34.54 71.53
CA GLU C 84 7.23 33.50 70.84
C GLU C 84 7.35 32.13 71.49
N ASP C 85 8.08 31.99 72.60
CA ASP C 85 8.26 30.71 73.26
C ASP C 85 7.06 30.28 74.10
N GLU C 86 6.02 31.11 74.19
CA GLU C 86 4.82 30.74 74.96
C GLU C 86 3.97 29.81 74.11
N THR C 87 4.38 28.55 74.08
CA THR C 87 3.66 27.50 73.36
C THR C 87 3.62 26.25 74.22
N THR C 88 2.95 25.21 73.70
CA THR C 88 2.85 23.93 74.37
C THR C 88 3.71 22.91 73.62
N TYR C 89 4.68 22.34 74.30
CA TYR C 89 5.64 21.43 73.68
C TYR C 89 5.28 19.97 74.01
N TYR C 90 5.61 19.08 73.07
CA TYR C 90 5.34 17.66 73.22
C TYR C 90 6.56 16.88 72.75
N CYS C 91 6.91 15.83 73.49
CA CYS C 91 7.98 14.93 73.11
C CYS C 91 7.40 13.72 72.39
N CYS C 92 8.28 12.93 71.80
CA CYS C 92 7.85 11.71 71.13
C CYS C 92 8.97 10.67 71.14
N SER C 93 8.57 9.41 71.27
CA SER C 93 9.50 8.28 71.27
C SER C 93 9.16 7.36 70.10
N TYR C 94 10.12 7.13 69.23
CA TYR C 94 9.90 6.32 68.03
C TYR C 94 11.15 5.50 67.72
N THR C 95 10.95 4.49 66.88
CA THR C 95 12.04 3.77 66.23
C THR C 95 11.92 3.97 64.73
N HIS C 96 12.80 3.31 63.97
CA HIS C 96 12.84 3.56 62.53
C HIS C 96 11.63 2.97 61.82
N ASN C 97 11.03 1.90 62.35
CA ASN C 97 9.90 1.23 61.72
C ASN C 97 8.75 1.09 62.72
N SER C 98 8.26 2.21 63.22
CA SER C 98 7.13 2.19 64.15
C SER C 98 6.41 3.54 64.05
N GLY C 99 5.65 3.87 65.10
CA GLY C 99 4.94 5.12 65.18
C GLY C 99 5.56 6.10 66.16
N CYS C 100 4.95 7.27 66.23
CA CYS C 100 5.40 8.33 67.13
C CYS C 100 4.46 8.36 68.33
N VAL C 101 4.88 7.69 69.40
CA VAL C 101 4.16 7.74 70.68
C VAL C 101 4.44 9.10 71.32
N PHE C 102 3.44 9.98 71.33
CA PHE C 102 3.65 11.35 71.77
C PHE C 102 3.77 11.41 73.29
N GLY C 103 4.06 12.62 73.79
CA GLY C 103 4.15 12.87 75.21
C GLY C 103 2.90 13.57 75.74
N THR C 104 2.86 13.72 77.06
CA THR C 104 1.69 14.29 77.72
C THR C 104 1.51 15.76 77.34
N GLY C 105 2.44 16.61 77.73
CA GLY C 105 2.38 18.02 77.39
C GLY C 105 3.09 18.87 78.42
N THR C 106 3.56 20.04 77.97
CA THR C 106 4.28 20.97 78.84
C THR C 106 3.97 22.39 78.39
N LYS C 107 3.24 23.14 79.21
CA LYS C 107 3.00 24.55 78.96
C LYS C 107 4.18 25.37 79.44
N VAL C 108 4.75 26.19 78.55
CA VAL C 108 5.86 27.05 78.92
C VAL C 108 5.52 28.50 78.62
N GLU D 2 29.51 19.47 61.35
CA GLU D 2 30.26 20.57 61.93
C GLU D 2 31.65 20.66 61.30
N ASN D 3 32.42 19.58 61.43
CA ASN D 3 33.72 19.48 60.78
C ASN D 3 33.51 18.83 59.42
N LEU D 4 33.21 19.64 58.41
CA LEU D 4 32.87 19.16 57.07
C LEU D 4 33.91 19.64 56.08
N TRP D 5 34.48 18.71 55.33
CA TRP D 5 35.42 19.00 54.26
C TRP D 5 34.84 18.57 52.92
N VAL D 6 35.44 19.08 51.85
CA VAL D 6 35.04 18.67 50.51
C VAL D 6 35.49 17.23 50.28
N THR D 7 34.59 16.41 49.73
CA THR D 7 34.89 15.03 49.39
C THR D 7 34.52 14.78 47.94
N VAL D 8 35.49 14.30 47.16
CA VAL D 8 35.34 14.16 45.72
C VAL D 8 34.80 12.77 45.40
N TYR D 9 33.88 12.71 44.45
CA TYR D 9 33.27 11.46 44.01
C TYR D 9 33.38 11.36 42.50
N TYR D 10 33.90 10.23 42.01
CA TYR D 10 34.02 9.96 40.59
C TYR D 10 33.02 8.87 40.22
N GLY D 11 32.02 9.24 39.42
CA GLY D 11 31.01 8.30 38.98
C GLY D 11 29.68 8.50 39.67
N VAL D 12 29.19 9.75 39.67
CA VAL D 12 27.93 10.07 40.33
C VAL D 12 26.82 10.11 39.28
N PRO D 13 25.63 9.59 39.59
CA PRO D 13 24.55 9.55 38.60
C PRO D 13 23.93 10.93 38.35
N VAL D 14 24.65 11.80 37.65
CA VAL D 14 24.15 13.13 37.29
C VAL D 14 24.50 13.40 35.83
N TRP D 15 23.57 14.02 35.12
CA TRP D 15 23.74 14.28 33.69
C TRP D 15 23.13 15.63 33.34
N LYS D 16 23.58 16.15 32.19
CA LYS D 16 23.05 17.38 31.62
C LYS D 16 22.71 17.14 30.16
N ASP D 17 21.74 17.92 29.67
CA ASP D 17 21.39 17.84 28.25
C ASP D 17 22.55 18.35 27.40
N ALA D 18 22.69 17.75 26.22
CA ALA D 18 23.78 18.13 25.32
C ALA D 18 23.48 17.60 23.92
N GLU D 19 24.26 18.08 22.96
CA GLU D 19 24.23 17.60 21.59
C GLU D 19 25.55 16.91 21.29
N THR D 20 25.49 15.78 20.58
CA THR D 20 26.68 15.02 20.26
C THR D 20 26.48 14.26 18.96
N THR D 21 27.60 13.82 18.38
CA THR D 21 27.53 12.98 17.19
C THR D 21 27.05 11.58 17.55
N LEU D 22 26.00 11.13 16.88
CA LEU D 22 25.41 9.83 17.13
C LEU D 22 25.75 8.89 15.98
N PHE D 23 26.40 7.78 16.30
CA PHE D 23 26.74 6.79 15.29
C PHE D 23 25.63 5.76 15.15
N CYS D 24 25.68 5.01 14.06
CA CYS D 24 24.61 4.10 13.69
C CYS D 24 24.98 2.65 14.02
N ALA D 25 23.95 1.85 14.28
CA ALA D 25 24.09 0.42 14.46
C ALA D 25 23.01 -0.28 13.66
N SER D 26 23.27 -1.53 13.29
CA SER D 26 22.32 -2.30 12.50
C SER D 26 22.61 -3.79 12.70
N ASP D 27 21.60 -4.60 12.43
CA ASP D 27 21.72 -6.03 12.59
C ASP D 27 22.37 -6.66 11.35
N ALA D 28 22.93 -7.85 11.56
CA ALA D 28 23.58 -8.56 10.46
C ALA D 28 22.55 -9.11 9.49
N LYS D 29 22.73 -8.80 8.20
CA LYS D 29 21.81 -9.24 7.16
C LYS D 29 22.50 -9.84 5.94
N ALA D 30 23.82 -9.77 5.85
CA ALA D 30 24.55 -10.30 4.70
C ALA D 30 25.44 -11.47 5.11
N LYS D 35 21.55 -6.75 -1.40
CA LYS D 35 22.98 -6.41 -1.39
C LYS D 35 23.26 -5.25 -0.44
N HIS D 36 23.52 -4.08 -1.02
CA HIS D 36 23.79 -2.87 -0.25
C HIS D 36 22.65 -1.88 -0.46
N ASN D 37 22.13 -1.34 0.64
CA ASN D 37 21.07 -0.35 0.58
C ASN D 37 21.67 1.06 0.56
N VAL D 38 20.85 2.03 0.15
CA VAL D 38 21.27 3.42 0.12
C VAL D 38 21.60 3.94 1.51
N TRP D 39 21.10 3.28 2.55
CA TRP D 39 21.35 3.68 3.93
C TRP D 39 22.65 3.13 4.48
N ALA D 40 23.35 2.30 3.71
CA ALA D 40 24.71 1.83 4.05
C ALA D 40 24.76 1.23 5.44
N THR D 41 23.70 0.51 5.82
CA THR D 41 23.64 -0.11 7.14
C THR D 41 24.69 -1.20 7.32
N HIS D 42 25.39 -1.59 6.26
CA HIS D 42 26.54 -2.48 6.41
C HIS D 42 27.70 -1.77 7.09
N ALA D 43 27.83 -0.45 6.90
CA ALA D 43 28.90 0.34 7.48
C ALA D 43 28.61 0.78 8.91
N CYS D 44 27.67 0.13 9.59
CA CYS D 44 27.39 0.41 10.98
C CYS D 44 27.85 -0.74 11.86
N VAL D 45 28.03 -0.45 13.14
CA VAL D 45 28.50 -1.47 14.09
C VAL D 45 27.36 -2.45 14.36
N PRO D 46 27.64 -3.75 14.52
CA PRO D 46 26.57 -4.70 14.79
C PRO D 46 25.88 -4.41 16.12
N THR D 47 24.55 -4.48 16.11
CA THR D 47 23.77 -4.25 17.31
C THR D 47 23.88 -5.43 18.26
N ASP D 48 23.90 -5.13 19.54
CA ASP D 48 23.92 -6.16 20.57
C ASP D 48 22.67 -7.03 20.45
N PRO D 49 22.80 -8.37 20.48
CA PRO D 49 21.61 -9.22 20.60
C PRO D 49 20.89 -9.06 21.94
N ASN D 50 21.45 -8.27 22.85
CA ASN D 50 20.84 -8.00 24.15
C ASN D 50 20.78 -6.48 24.31
N PRO D 51 19.76 -5.84 23.71
CA PRO D 51 19.65 -4.38 23.82
C PRO D 51 19.40 -3.94 25.25
N GLN D 52 20.46 -3.65 25.98
CA GLN D 52 20.36 -3.38 27.41
C GLN D 52 19.59 -2.10 27.66
N GLU D 53 18.51 -2.21 28.43
CA GLU D 53 17.70 -1.08 28.86
C GLU D 53 17.71 -1.04 30.38
N ILE D 54 18.22 0.05 30.94
CA ILE D 54 18.29 0.23 32.38
C ILE D 54 17.18 1.19 32.80
N HIS D 55 16.35 0.76 33.75
CA HIS D 55 15.27 1.59 34.24
C HIS D 55 15.81 2.55 35.29
N LEU D 56 15.41 3.82 35.19
CA LEU D 56 15.86 4.86 36.10
C LEU D 56 14.73 5.12 37.10
N GLU D 57 14.74 4.38 38.20
CA GLU D 57 13.70 4.52 39.21
C GLU D 57 13.73 5.91 39.81
N ASN D 58 12.53 6.44 40.12
CA ASN D 58 12.35 7.72 40.80
C ASN D 58 12.71 8.92 39.92
N VAL D 59 13.30 8.68 38.76
CA VAL D 59 13.78 9.76 37.90
C VAL D 59 12.61 10.37 37.13
N THR D 60 12.66 11.69 36.94
CA THR D 60 11.68 12.40 36.11
C THR D 60 12.43 13.45 35.30
N GLU D 61 12.36 13.35 33.98
CA GLU D 61 13.12 14.21 33.09
C GLU D 61 12.20 15.07 32.24
N GLU D 62 12.76 16.16 31.73
CA GLU D 62 12.06 17.04 30.80
C GLU D 62 12.41 16.65 29.37
N PHE D 63 11.39 16.47 28.55
CA PHE D 63 11.56 16.14 27.14
C PHE D 63 10.98 17.24 26.28
N ASN D 64 11.48 17.33 25.05
CA ASN D 64 11.00 18.32 24.10
C ASN D 64 11.34 17.87 22.68
N MET D 65 10.48 17.02 22.10
CA MET D 65 10.73 16.45 20.78
C MET D 65 10.83 17.51 19.70
N TRP D 66 10.38 18.73 19.96
CA TRP D 66 10.40 19.80 18.97
C TRP D 66 11.68 20.62 19.03
N LYS D 67 12.49 20.48 20.08
CA LYS D 67 13.84 21.01 20.11
C LYS D 67 14.89 19.89 20.10
N ASN D 68 14.46 18.65 19.93
CA ASN D 68 15.37 17.51 19.94
C ASN D 68 16.40 17.65 18.82
N ASN D 69 17.64 17.30 19.13
CA ASN D 69 18.72 17.39 18.15
C ASN D 69 18.87 16.13 17.30
N MET D 70 18.36 14.99 17.79
CA MET D 70 18.50 13.75 17.02
C MET D 70 17.78 13.83 15.69
N VAL D 71 16.59 14.45 15.66
CA VAL D 71 15.85 14.55 14.40
C VAL D 71 16.58 15.45 13.42
N GLU D 72 17.24 16.50 13.92
CA GLU D 72 18.02 17.37 13.05
C GLU D 72 19.26 16.68 12.52
N GLN D 73 19.77 15.68 13.23
CA GLN D 73 20.94 14.92 12.77
C GLN D 73 20.54 13.78 11.84
N MET D 74 19.40 13.13 12.10
CA MET D 74 18.93 12.09 11.19
C MET D 74 18.50 12.70 9.86
N HIS D 75 17.84 13.86 9.90
CA HIS D 75 17.43 14.52 8.66
C HIS D 75 18.63 14.87 7.80
N THR D 76 19.78 15.16 8.41
CA THR D 76 21.00 15.43 7.65
C THR D 76 21.76 14.17 7.31
N ASP D 77 21.73 13.16 8.18
CA ASP D 77 22.41 11.90 7.87
C ASP D 77 21.77 11.21 6.68
N ILE D 78 20.44 11.16 6.65
CA ILE D 78 19.74 10.53 5.53
C ILE D 78 20.09 11.22 4.22
N ILE D 79 20.13 12.55 4.23
CA ILE D 79 20.47 13.30 3.03
C ILE D 79 21.91 13.04 2.62
N SER D 80 22.82 12.95 3.60
CA SER D 80 24.20 12.62 3.29
C SER D 80 24.33 11.19 2.78
N LEU D 81 23.46 10.29 3.24
CA LEU D 81 23.49 8.91 2.75
C LEU D 81 23.07 8.83 1.29
N TRP D 82 22.09 9.66 0.89
CA TRP D 82 21.65 9.66 -0.50
C TRP D 82 22.70 10.28 -1.41
N ASP D 83 23.29 11.41 -1.00
CA ASP D 83 24.32 12.05 -1.81
C ASP D 83 25.53 11.15 -1.96
N GLN D 84 25.92 10.46 -0.89
CA GLN D 84 27.06 9.55 -0.95
C GLN D 84 26.78 8.40 -1.92
N SER D 85 25.55 7.89 -1.92
CA SER D 85 25.21 6.74 -2.75
C SER D 85 24.94 7.09 -4.20
N LEU D 86 24.69 8.37 -4.50
CA LEU D 86 24.45 8.79 -5.87
C LEU D 86 25.71 9.27 -6.59
N LYS D 87 26.76 9.63 -5.83
CA LYS D 87 28.00 10.17 -6.38
C LYS D 87 28.57 9.33 -7.53
N PRO D 88 28.82 8.03 -7.36
CA PRO D 88 29.51 7.27 -8.40
C PRO D 88 28.61 6.77 -9.53
N CYS D 89 27.35 7.18 -9.59
CA CYS D 89 26.43 6.63 -10.56
C CYS D 89 26.42 7.48 -11.84
N VAL D 90 25.66 7.02 -12.83
CA VAL D 90 25.75 7.56 -14.18
C VAL D 90 25.09 8.94 -14.24
N LYS D 91 25.86 9.95 -14.62
CA LYS D 91 25.28 11.24 -14.96
C LYS D 91 24.49 11.11 -16.26
N LEU D 92 23.27 11.64 -16.28
CA LEU D 92 22.38 11.52 -17.42
C LEU D 92 22.17 12.85 -18.12
N THR D 93 23.24 13.66 -18.21
CA THR D 93 23.16 14.89 -18.98
C THR D 93 22.89 14.68 -20.47
N PRO D 94 23.38 13.64 -21.15
CA PRO D 94 22.98 13.44 -22.55
C PRO D 94 21.50 13.17 -22.73
N LEU D 95 20.78 12.74 -21.68
CA LEU D 95 19.35 12.51 -21.80
C LEU D 95 18.57 13.81 -21.91
N CYS D 96 19.15 14.94 -21.50
CA CYS D 96 18.49 16.24 -21.66
C CYS D 96 18.62 16.64 -23.13
N VAL D 97 17.80 16.01 -23.96
CA VAL D 97 17.79 16.23 -25.40
C VAL D 97 16.35 16.16 -25.88
N THR D 98 16.11 16.72 -27.06
CA THR D 98 14.75 16.78 -27.60
C THR D 98 14.18 15.39 -27.80
N LEU D 99 12.95 15.18 -27.36
CA LEU D 99 12.29 13.89 -27.39
C LEU D 99 11.11 13.92 -28.35
N GLN D 100 11.05 12.93 -29.24
CA GLN D 100 9.88 12.70 -30.08
C GLN D 100 9.03 11.63 -29.41
N CYS D 101 7.80 12.00 -29.03
CA CYS D 101 6.97 11.13 -28.21
C CYS D 101 5.59 10.98 -28.82
N THR D 102 5.02 9.79 -28.66
CA THR D 102 3.63 9.49 -28.97
C THR D 102 3.01 8.80 -27.76
N ASN D 103 1.71 8.52 -27.85
CA ASN D 103 1.07 7.68 -26.85
C ASN D 103 1.39 6.22 -27.13
N VAL D 104 1.51 5.44 -26.05
CA VAL D 104 1.75 4.02 -26.16
C VAL D 104 0.42 3.29 -26.11
N THR D 105 0.14 2.50 -27.15
CA THR D 105 -1.03 1.63 -27.23
C THR D 105 -2.30 2.33 -26.79
N ASN D 106 -2.93 3.09 -27.69
CA ASN D 106 -4.12 3.86 -27.33
C ASN D 106 -5.34 2.97 -27.14
N ALA D 107 -6.52 3.60 -27.12
CA ALA D 107 -7.80 2.92 -26.94
C ALA D 107 -7.86 2.18 -25.61
N ILE D 108 -8.03 2.93 -24.52
CA ILE D 108 -8.38 2.33 -23.23
C ILE D 108 -9.39 3.20 -22.50
N THR D 109 -8.97 4.36 -21.98
CA THR D 109 -9.83 5.20 -21.14
C THR D 109 -9.55 6.69 -21.36
N ASP D 110 -9.64 7.13 -22.61
CA ASP D 110 -9.58 8.54 -23.00
C ASP D 110 -8.28 9.14 -22.49
N ASP D 111 -8.30 10.16 -21.63
CA ASP D 111 -7.09 10.83 -21.17
C ASP D 111 -6.36 10.04 -20.09
N MET D 112 -6.18 8.73 -20.30
CA MET D 112 -5.27 7.94 -19.49
C MET D 112 -4.24 7.23 -20.35
N ARG D 113 -4.30 7.42 -21.67
CA ARG D 113 -3.26 6.93 -22.58
C ARG D 113 -2.07 7.86 -22.66
N GLY D 114 -2.27 9.15 -22.39
CA GLY D 114 -1.17 10.07 -22.20
C GLY D 114 -0.50 9.97 -20.86
N GLU D 115 -1.00 9.10 -19.97
CA GLU D 115 -0.39 8.91 -18.67
C GLU D 115 1.03 8.38 -18.78
N LEU D 116 1.33 7.64 -19.84
CA LEU D 116 2.70 7.23 -20.10
C LEU D 116 2.93 7.22 -21.61
N LYS D 117 4.13 7.61 -22.02
CA LYS D 117 4.43 7.93 -23.41
C LYS D 117 5.47 6.99 -23.98
N ASN D 118 5.42 6.81 -25.30
CA ASN D 118 6.44 6.10 -26.07
C ASN D 118 7.30 7.16 -26.75
N CYS D 119 8.57 7.26 -26.33
CA CYS D 119 9.44 8.35 -26.75
C CYS D 119 10.70 7.80 -27.39
N SER D 120 11.08 8.36 -28.54
CA SER D 120 12.31 8.02 -29.23
C SER D 120 13.16 9.27 -29.40
N PHE D 121 14.48 9.11 -29.32
CA PHE D 121 15.39 10.24 -29.34
C PHE D 121 16.76 9.81 -29.82
N ASN D 122 17.53 10.78 -30.30
CA ASN D 122 18.93 10.56 -30.65
C ASN D 122 19.78 10.62 -29.39
N MET D 123 20.86 9.83 -29.38
CA MET D 123 21.64 9.65 -28.17
C MET D 123 23.08 9.29 -28.52
N THR D 124 24.01 9.73 -27.69
CA THR D 124 25.42 9.40 -27.87
C THR D 124 25.66 7.92 -27.63
N THR D 125 26.59 7.36 -28.39
CA THR D 125 26.98 5.96 -28.28
C THR D 125 28.28 5.85 -27.49
N GLU D 126 28.97 4.72 -27.63
CA GLU D 126 30.33 4.61 -27.10
C GLU D 126 31.33 5.38 -27.96
N LEU D 127 31.01 5.62 -29.23
CA LEU D 127 31.85 6.40 -30.12
C LEU D 127 31.32 7.84 -30.14
N ARG D 128 32.20 8.79 -29.82
CA ARG D 128 31.79 10.18 -29.66
C ARG D 128 31.26 10.79 -30.95
N ASP D 129 31.56 10.19 -32.10
CA ASP D 129 31.13 10.76 -33.38
C ASP D 129 29.86 10.12 -33.94
N LYS D 130 29.49 8.94 -33.49
CA LYS D 130 28.33 8.22 -34.03
C LYS D 130 27.19 8.26 -33.03
N LYS D 131 26.00 8.56 -33.53
CA LYS D 131 24.79 8.65 -32.71
C LYS D 131 23.94 7.39 -32.87
N GLN D 132 22.91 7.31 -32.05
CA GLN D 132 21.94 6.22 -32.13
C GLN D 132 20.55 6.77 -31.81
N LYS D 133 19.56 6.36 -32.61
CA LYS D 133 18.17 6.66 -32.34
C LYS D 133 17.59 5.52 -31.52
N VAL D 134 17.31 5.78 -30.25
CA VAL D 134 16.75 4.79 -29.35
C VAL D 134 15.43 5.31 -28.80
N TYR D 135 14.58 4.39 -28.37
CA TYR D 135 13.27 4.74 -27.85
C TYR D 135 13.11 4.20 -26.43
N SER D 136 12.29 4.91 -25.65
CA SER D 136 12.04 4.54 -24.26
C SER D 136 10.63 4.96 -23.88
N LEU D 137 10.15 4.37 -22.79
CA LEU D 137 8.86 4.74 -22.22
C LEU D 137 9.09 5.68 -21.04
N PHE D 138 8.34 6.78 -21.01
CA PHE D 138 8.43 7.77 -19.95
C PHE D 138 7.04 8.08 -19.43
N TYR D 139 6.93 8.17 -18.10
CA TYR D 139 5.67 8.60 -17.50
C TYR D 139 5.42 10.07 -17.81
N ARG D 140 4.14 10.45 -17.81
CA ARG D 140 3.77 11.83 -18.14
C ARG D 140 4.31 12.82 -17.11
N LEU D 141 4.45 12.39 -15.85
CA LEU D 141 4.93 13.26 -14.80
C LEU D 141 6.43 13.55 -14.91
N ASP D 142 7.11 13.01 -15.90
CA ASP D 142 8.55 13.22 -16.07
C ASP D 142 8.89 14.05 -17.30
N VAL D 143 7.90 14.54 -18.05
CA VAL D 143 8.14 15.25 -19.30
C VAL D 143 7.22 16.47 -19.38
N VAL D 144 7.61 17.41 -20.24
CA VAL D 144 6.82 18.59 -20.56
C VAL D 144 6.98 18.91 -22.04
N GLN D 145 6.03 19.67 -22.57
CA GLN D 145 5.95 19.93 -24.00
C GLN D 145 6.94 21.04 -24.39
N ILE D 146 6.82 21.51 -25.64
CA ILE D 146 7.69 22.55 -26.18
C ILE D 146 6.84 23.58 -26.92
N ASN D 147 5.78 23.09 -27.58
CA ASN D 147 4.87 23.94 -28.35
C ASN D 147 5.61 24.69 -29.45
N ASN D 158 3.60 20.53 -31.89
CA ASN D 158 4.06 19.23 -32.37
C ASN D 158 4.26 18.26 -31.19
N LYS D 159 4.62 17.03 -31.50
CA LYS D 159 4.81 15.99 -30.48
C LYS D 159 6.25 15.94 -29.97
N GLU D 160 6.76 17.10 -29.55
CA GLU D 160 8.11 17.22 -29.01
C GLU D 160 8.03 17.46 -27.51
N TYR D 161 8.83 16.69 -26.75
CA TYR D 161 8.86 16.77 -25.29
C TYR D 161 10.30 16.87 -24.82
N ARG D 162 10.46 17.00 -23.50
CA ARG D 162 11.76 17.06 -22.85
C ARG D 162 11.60 16.60 -21.42
N LEU D 163 12.70 16.20 -20.81
CA LEU D 163 12.67 15.76 -19.42
C LEU D 163 12.31 16.92 -18.49
N ILE D 164 11.58 16.59 -17.43
CA ILE D 164 11.00 17.61 -16.56
C ILE D 164 12.04 18.49 -15.89
N ASN D 165 13.28 18.01 -15.76
CA ASN D 165 14.27 18.65 -14.89
C ASN D 165 15.29 19.50 -15.65
N CYS D 166 15.30 19.45 -16.97
CA CYS D 166 16.46 19.97 -17.72
C CYS D 166 16.63 21.48 -17.60
N ASN D 167 15.59 22.24 -17.26
CA ASN D 167 15.75 23.68 -17.12
C ASN D 167 16.16 24.10 -15.71
N THR D 168 16.00 23.23 -14.71
CA THR D 168 16.34 23.55 -13.33
C THR D 168 17.57 22.80 -12.85
N SER D 169 17.59 21.47 -12.98
CA SER D 169 18.55 20.63 -12.28
C SER D 169 19.33 19.77 -13.25
N ALA D 170 20.47 19.28 -12.76
CA ALA D 170 21.18 18.18 -13.40
C ALA D 170 20.66 16.86 -12.83
N ILE D 171 20.82 15.78 -13.60
CA ILE D 171 20.16 14.52 -13.29
C ILE D 171 21.21 13.41 -13.21
N THR D 172 20.98 12.47 -12.30
CA THR D 172 21.78 11.27 -12.13
C THR D 172 20.85 10.11 -11.84
N GLN D 173 21.12 8.95 -12.43
CA GLN D 173 20.31 7.76 -12.19
C GLN D 173 20.95 6.91 -11.10
N ALA D 174 20.12 6.43 -10.18
CA ALA D 174 20.62 5.61 -9.08
C ALA D 174 21.19 4.31 -9.62
N CYS D 175 22.39 3.96 -9.15
CA CYS D 175 23.00 2.68 -9.49
C CYS D 175 22.02 1.55 -9.16
N PRO D 176 21.62 0.74 -10.15
CA PRO D 176 20.52 -0.21 -9.92
C PRO D 176 20.85 -1.33 -8.96
N LYS D 177 22.11 -1.49 -8.55
CA LYS D 177 22.44 -2.49 -7.53
C LYS D 177 22.13 -2.03 -6.13
N VAL D 178 21.86 -0.74 -5.93
CA VAL D 178 21.51 -0.19 -4.63
C VAL D 178 20.02 -0.42 -4.37
N SER D 179 19.69 -0.83 -3.15
CA SER D 179 18.32 -1.12 -2.76
C SER D 179 17.73 0.07 -2.02
N PHE D 180 16.52 0.48 -2.41
CA PHE D 180 15.80 1.53 -1.71
C PHE D 180 15.03 1.01 -0.50
N GLU D 181 15.12 -0.28 -0.22
CA GLU D 181 14.35 -0.86 0.89
C GLU D 181 14.89 -0.36 2.22
N PRO D 182 14.08 0.30 3.04
CA PRO D 182 14.58 0.79 4.33
C PRO D 182 14.98 -0.35 5.25
N ILE D 183 16.10 -0.15 5.94
CA ILE D 183 16.65 -1.12 6.88
C ILE D 183 16.68 -0.49 8.27
N PRO D 184 16.27 -1.20 9.31
CA PRO D 184 16.26 -0.62 10.66
C PRO D 184 17.62 -0.07 11.07
N ILE D 185 17.64 1.18 11.50
CA ILE D 185 18.84 1.86 11.97
C ILE D 185 18.70 2.11 13.47
N HIS D 186 19.76 1.83 14.22
CA HIS D 186 19.84 2.14 15.63
C HIS D 186 20.81 3.29 15.84
N TYR D 187 20.33 4.41 16.38
CA TYR D 187 21.23 5.48 16.78
C TYR D 187 21.75 5.21 18.18
N CYS D 188 23.04 5.50 18.39
CA CYS D 188 23.71 5.21 19.64
C CYS D 188 24.52 6.41 20.09
N ALA D 189 24.56 6.63 21.41
CA ALA D 189 25.36 7.68 22.00
C ALA D 189 26.77 7.17 22.30
N PRO D 190 27.79 8.01 22.12
CA PRO D 190 29.17 7.58 22.39
C PRO D 190 29.37 7.28 23.87
N ALA D 191 30.53 6.72 24.17
CA ALA D 191 30.88 6.43 25.56
C ALA D 191 30.92 7.71 26.37
N GLY D 192 30.27 7.68 27.54
CA GLY D 192 30.15 8.85 28.37
C GLY D 192 28.91 9.68 28.12
N PHE D 193 28.13 9.37 27.09
CA PHE D 193 26.85 9.99 26.83
C PHE D 193 25.74 8.98 27.15
N ALA D 194 24.50 9.35 26.87
CA ALA D 194 23.38 8.48 27.19
C ALA D 194 22.17 8.85 26.37
N ILE D 195 21.31 7.86 26.14
CA ILE D 195 19.99 8.05 25.54
C ILE D 195 18.97 7.78 26.62
N LEU D 196 18.02 8.69 26.79
CA LEU D 196 16.96 8.55 27.78
C LEU D 196 15.63 8.32 27.09
N LYS D 197 14.95 7.24 27.45
CA LYS D 197 13.66 6.88 26.89
C LYS D 197 12.55 7.26 27.87
N CYS D 198 11.45 7.78 27.33
CA CYS D 198 10.27 8.12 28.11
C CYS D 198 9.26 7.00 27.95
N LYS D 199 9.17 6.13 28.96
CA LYS D 199 8.29 4.98 28.95
C LYS D 199 6.85 5.33 29.28
N ASP D 200 6.45 6.59 29.14
CA ASP D 200 5.10 7.03 29.46
C ASP D 200 4.19 6.71 28.28
N LYS D 201 3.28 5.75 28.48
CA LYS D 201 2.44 5.25 27.39
C LYS D 201 1.44 6.28 26.87
N LYS D 202 1.29 7.42 27.53
CA LYS D 202 0.45 8.52 27.05
C LYS D 202 1.24 9.82 27.14
N PHE D 203 2.36 9.86 26.42
CA PHE D 203 3.29 10.98 26.44
C PHE D 203 2.95 11.96 25.32
N ASN D 204 3.05 13.26 25.64
CA ASN D 204 2.66 14.29 24.68
C ASN D 204 3.77 14.64 23.70
N GLY D 205 5.02 14.33 24.03
CA GLY D 205 6.17 14.78 23.28
C GLY D 205 6.97 15.85 23.98
N THR D 206 6.35 16.57 24.90
CA THR D 206 7.02 17.58 25.71
C THR D 206 6.57 17.41 27.16
N GLY D 207 7.30 18.08 28.06
CA GLY D 207 6.93 18.09 29.46
C GLY D 207 7.63 17.04 30.28
N PRO D 208 7.47 17.12 31.61
CA PRO D 208 8.13 16.16 32.50
C PRO D 208 7.56 14.76 32.32
N CYS D 209 8.45 13.80 32.04
CA CYS D 209 8.03 12.41 31.84
C CYS D 209 8.32 11.60 33.10
N PRO D 210 7.33 10.98 33.71
CA PRO D 210 7.57 10.22 34.95
C PRO D 210 8.45 9.00 34.76
N SER D 211 8.01 8.02 33.97
CA SER D 211 8.78 6.80 33.78
C SER D 211 9.91 7.05 32.79
N VAL D 212 11.14 6.73 33.20
CA VAL D 212 12.34 7.01 32.42
C VAL D 212 13.25 5.79 32.44
N SER D 213 13.84 5.48 31.29
CA SER D 213 14.84 4.44 31.18
C SER D 213 15.97 4.94 30.29
N THR D 214 17.17 4.40 30.50
CA THR D 214 18.33 4.75 29.69
C THR D 214 18.71 3.55 28.83
N VAL D 215 19.13 3.82 27.59
CA VAL D 215 19.47 2.79 26.63
C VAL D 215 20.78 3.16 25.94
N GLN D 216 21.58 2.13 25.62
CA GLN D 216 22.79 2.37 24.85
C GLN D 216 22.47 2.79 23.42
N CYS D 217 21.39 2.26 22.85
CA CYS D 217 20.98 2.58 21.50
C CYS D 217 19.47 2.63 21.43
N THR D 218 18.96 3.38 20.45
CA THR D 218 17.53 3.42 20.22
C THR D 218 17.05 2.13 19.56
N HIS D 219 15.74 1.99 19.44
CA HIS D 219 15.17 0.85 18.76
C HIS D 219 15.40 0.97 17.25
N GLY D 220 15.01 -0.08 16.52
CA GLY D 220 15.19 -0.09 15.09
C GLY D 220 14.29 0.93 14.44
N ILE D 221 14.86 1.86 13.68
CA ILE D 221 14.11 2.91 12.99
C ILE D 221 14.35 2.76 11.50
N LYS D 222 13.33 2.34 10.77
CA LYS D 222 13.43 2.29 9.32
C LYS D 222 13.33 3.70 8.74
N PRO D 223 14.31 4.14 7.94
CA PRO D 223 14.24 5.49 7.37
C PRO D 223 13.28 5.58 6.19
N VAL D 224 11.99 5.42 6.48
CA VAL D 224 10.95 5.46 5.46
C VAL D 224 10.50 6.91 5.29
N VAL D 225 10.64 7.43 4.08
CA VAL D 225 10.27 8.80 3.75
C VAL D 225 8.95 8.73 3.00
N SER D 226 7.85 9.06 3.68
CA SER D 226 6.52 9.08 3.10
C SER D 226 5.87 10.42 3.36
N THR D 227 4.69 10.61 2.76
CA THR D 227 3.94 11.86 2.87
C THR D 227 2.53 11.55 3.35
N GLN D 228 2.00 12.48 4.16
CA GLN D 228 0.65 12.38 4.71
C GLN D 228 0.50 11.18 5.62
N LEU D 229 0.63 9.97 5.07
CA LEU D 229 0.46 8.74 5.81
C LEU D 229 1.82 8.21 6.23
N LEU D 230 2.02 8.01 7.54
CA LEU D 230 3.26 7.45 8.06
C LEU D 230 3.21 5.94 7.97
N LEU D 231 4.19 5.35 7.30
CA LEU D 231 4.17 3.94 6.96
C LEU D 231 5.22 3.16 7.74
N ASN D 232 4.89 1.90 8.07
CA ASN D 232 5.83 0.95 8.67
C ASN D 232 6.44 1.50 9.95
N GLY D 233 5.69 2.31 10.69
CA GLY D 233 6.21 2.98 11.87
C GLY D 233 5.85 2.27 13.16
N SER D 234 6.27 2.88 14.27
CA SER D 234 6.03 2.35 15.60
C SER D 234 4.65 2.80 16.10
N LEU D 235 4.04 1.93 16.89
CA LEU D 235 2.65 2.12 17.32
C LEU D 235 2.57 2.53 18.79
N ALA D 236 1.52 3.29 19.11
CA ALA D 236 1.21 3.58 20.49
C ALA D 236 0.63 2.35 21.16
N GLU D 237 0.74 2.31 22.49
CA GLU D 237 0.21 1.18 23.25
C GLU D 237 -1.19 1.44 23.79
N GLU D 238 -1.57 2.70 23.98
CA GLU D 238 -2.89 3.06 24.47
C GLU D 238 -3.40 4.26 23.67
N GLU D 239 -4.71 4.28 23.43
CA GLU D 239 -5.38 5.38 22.72
C GLU D 239 -4.67 5.63 21.40
N VAL D 240 -4.74 6.86 20.89
CA VAL D 240 -3.99 7.28 19.71
C VAL D 240 -3.52 8.70 19.95
N MET D 241 -2.23 8.87 20.23
CA MET D 241 -1.72 10.17 20.64
C MET D 241 -1.71 11.16 19.49
N ILE D 242 -1.75 12.44 19.85
CA ILE D 242 -1.68 13.55 18.92
C ILE D 242 -0.63 14.52 19.44
N ARG D 243 0.30 14.92 18.57
CA ARG D 243 1.47 15.68 18.99
C ARG D 243 1.67 16.88 18.07
N SER D 244 1.79 18.06 18.69
CA SER D 244 2.17 19.28 18.00
C SER D 244 2.71 20.25 19.05
N GLU D 245 3.57 21.17 18.61
CA GLU D 245 4.17 22.09 19.58
C GLU D 245 3.17 23.16 20.02
N ASN D 246 2.52 23.82 19.07
CA ASN D 246 1.44 24.76 19.36
C ASN D 246 0.20 24.28 18.62
N ILE D 247 -0.56 23.40 19.26
CA ILE D 247 -1.78 22.88 18.64
C ILE D 247 -2.77 24.00 18.36
N THR D 248 -2.79 25.02 19.21
CA THR D 248 -3.65 26.18 18.98
C THR D 248 -3.17 27.03 17.80
N ASN D 249 -2.00 26.74 17.24
CA ASN D 249 -1.52 27.39 16.04
C ASN D 249 -1.80 26.47 14.84
N ASN D 250 -2.45 27.03 13.82
CA ASN D 250 -2.82 26.24 12.65
C ASN D 250 -1.66 25.99 11.70
N ALA D 251 -0.52 26.65 11.89
CA ALA D 251 0.62 26.51 10.99
C ALA D 251 1.64 25.51 11.51
N LYS D 252 1.33 24.78 12.58
CA LYS D 252 2.21 23.76 13.13
C LYS D 252 1.58 22.40 12.87
N ASN D 253 2.29 21.55 12.13
CA ASN D 253 1.74 20.28 11.67
C ASN D 253 1.33 19.39 12.84
N ILE D 254 0.29 18.61 12.63
CA ILE D 254 -0.24 17.68 13.62
C ILE D 254 0.27 16.29 13.27
N LEU D 255 0.94 15.65 14.23
CA LEU D 255 1.53 14.33 14.04
C LEU D 255 0.74 13.33 14.89
N VAL D 256 -0.32 12.77 14.30
CA VAL D 256 -1.10 11.75 14.99
C VAL D 256 -0.43 10.40 14.78
N GLN D 257 -0.66 9.49 15.71
CA GLN D 257 0.00 8.18 15.70
C GLN D 257 -1.00 7.15 16.20
N PHE D 258 -1.25 6.13 15.39
CA PHE D 258 -2.23 5.12 15.74
C PHE D 258 -1.66 4.13 16.75
N ASN D 259 -2.56 3.41 17.43
CA ASN D 259 -2.19 2.24 18.19
C ASN D 259 -2.49 0.94 17.47
N THR D 260 -3.44 0.97 16.53
CA THR D 260 -3.72 -0.14 15.64
C THR D 260 -3.20 0.18 14.24
N PRO D 261 -2.60 -0.78 13.57
CA PRO D 261 -2.09 -0.52 12.21
C PRO D 261 -3.14 -0.77 11.14
N VAL D 262 -3.51 0.27 10.41
CA VAL D 262 -4.44 0.13 9.29
C VAL D 262 -3.64 -0.21 8.05
N GLN D 263 -3.89 -1.41 7.51
CA GLN D 263 -3.05 -1.96 6.45
C GLN D 263 -3.40 -1.35 5.10
N ILE D 264 -2.38 -1.14 4.28
CA ILE D 264 -2.54 -0.60 2.93
C ILE D 264 -1.75 -1.46 1.97
N ASN D 265 -2.42 -1.91 0.90
CA ASN D 265 -1.78 -2.66 -0.18
C ASN D 265 -1.62 -1.75 -1.38
N CYS D 266 -0.45 -1.77 -2.00
CA CYS D 266 -0.18 -0.97 -3.18
C CYS D 266 0.39 -1.86 -4.27
N THR D 267 0.25 -1.42 -5.51
CA THR D 267 0.76 -2.20 -6.63
C THR D 267 0.88 -1.32 -7.88
N ARG D 268 1.91 -1.60 -8.68
CA ARG D 268 1.97 -1.15 -10.06
C ARG D 268 1.81 -2.39 -10.93
N PRO D 269 0.63 -2.64 -11.51
CA PRO D 269 0.36 -3.94 -12.14
C PRO D 269 1.04 -4.13 -13.49
N ASN D 270 1.51 -3.07 -14.14
CA ASN D 270 2.15 -3.21 -15.43
C ASN D 270 3.45 -3.98 -15.30
N ASN D 271 3.63 -4.99 -16.16
CA ASN D 271 4.83 -5.82 -16.18
C ASN D 271 5.86 -5.14 -17.06
N ASN D 272 6.82 -4.46 -16.42
CA ASN D 272 7.75 -3.60 -17.13
C ASN D 272 9.01 -4.35 -17.57
N THR D 273 9.72 -3.77 -18.54
CA THR D 273 10.96 -4.32 -19.06
C THR D 273 12.03 -3.22 -19.03
N ARG D 274 13.21 -3.58 -18.53
CA ARG D 274 14.34 -2.67 -18.47
C ARG D 274 15.30 -2.99 -19.61
N LYS D 275 15.55 -2.02 -20.47
CA LYS D 275 16.41 -2.16 -21.63
C LYS D 275 17.65 -1.31 -21.44
N SER D 276 18.81 -1.95 -21.41
CA SER D 276 20.07 -1.23 -21.21
C SER D 276 20.47 -0.52 -22.49
N ILE D 277 20.91 0.73 -22.34
CA ILE D 277 21.33 1.57 -23.46
C ILE D 277 22.71 2.13 -23.14
N ARG D 278 23.66 1.95 -24.06
CA ARG D 278 25.03 2.40 -23.87
C ARG D 278 25.14 3.84 -24.32
N ILE D 279 25.21 4.77 -23.36
CA ILE D 279 25.34 6.19 -23.66
C ILE D 279 26.79 6.65 -23.63
N GLY D 280 27.74 5.73 -23.53
CA GLY D 280 29.14 6.07 -23.51
C GLY D 280 30.01 4.91 -23.06
N PRO D 281 31.33 5.13 -23.05
CA PRO D 281 32.23 4.08 -22.57
C PRO D 281 32.01 3.77 -21.10
N GLY D 282 31.41 2.61 -20.83
CA GLY D 282 31.07 2.23 -19.47
C GLY D 282 29.81 2.83 -18.91
N GLN D 283 29.26 3.86 -19.57
CA GLN D 283 28.02 4.49 -19.12
C GLN D 283 26.83 3.81 -19.78
N ALA D 284 25.85 3.42 -18.96
CA ALA D 284 24.68 2.70 -19.46
C ALA D 284 23.43 3.30 -18.83
N PHE D 285 22.51 3.78 -19.67
CA PHE D 285 21.22 4.26 -19.24
C PHE D 285 20.18 3.15 -19.38
N TYR D 286 19.39 2.95 -18.33
CA TYR D 286 18.39 1.89 -18.30
C TYR D 286 17.03 2.48 -18.67
N ALA D 287 16.60 2.23 -19.89
CA ALA D 287 15.33 2.73 -20.39
C ALA D 287 14.21 1.74 -20.11
N THR D 288 12.97 2.24 -20.18
CA THR D 288 11.78 1.40 -20.02
C THR D 288 11.41 0.85 -21.39
N GLY D 289 11.70 -0.42 -21.62
CA GLY D 289 11.48 -1.05 -22.90
C GLY D 289 10.04 -0.99 -23.38
N ASP D 290 9.24 -1.97 -22.99
CA ASP D 290 7.81 -1.96 -23.27
C ASP D 290 7.09 -2.62 -22.09
N ILE D 291 5.78 -2.81 -22.25
CA ILE D 291 4.94 -3.38 -21.20
C ILE D 291 4.42 -4.73 -21.69
N ILE D 292 4.69 -5.77 -20.92
CA ILE D 292 4.15 -7.10 -21.22
C ILE D 292 2.75 -7.20 -20.64
N GLY D 293 1.79 -7.60 -21.48
CA GLY D 293 0.43 -7.78 -21.01
C GLY D 293 -0.34 -6.47 -20.95
N ASP D 294 -1.28 -6.41 -20.01
CA ASP D 294 -2.19 -5.28 -19.93
C ASP D 294 -1.48 -4.02 -19.45
N ILE D 295 -1.93 -2.88 -19.96
CA ILE D 295 -1.53 -1.57 -19.44
C ILE D 295 -2.62 -1.16 -18.45
N ARG D 296 -2.34 -1.35 -17.16
CA ARG D 296 -3.29 -1.07 -16.11
C ARG D 296 -2.86 0.15 -15.30
N GLN D 297 -3.64 0.44 -14.26
CA GLN D 297 -3.47 1.63 -13.43
C GLN D 297 -2.88 1.25 -12.09
N ALA D 298 -1.83 1.98 -11.68
CA ALA D 298 -1.27 1.78 -10.35
C ALA D 298 -2.21 2.33 -9.30
N HIS D 299 -2.35 1.60 -8.19
CA HIS D 299 -3.33 1.96 -7.18
C HIS D 299 -2.95 1.32 -5.85
N CYS D 300 -3.63 1.77 -4.79
CA CYS D 300 -3.47 1.24 -3.45
C CYS D 300 -4.83 0.94 -2.85
N ASN D 301 -4.91 -0.16 -2.09
CA ASN D 301 -6.11 -0.50 -1.35
C ASN D 301 -5.88 -0.32 0.14
N VAL D 302 -6.96 0.04 0.84
CA VAL D 302 -6.96 0.07 2.30
C VAL D 302 -8.38 -0.25 2.76
N SER D 303 -8.50 -1.17 3.73
CA SER D 303 -9.81 -1.63 4.18
C SER D 303 -10.65 -0.45 4.65
N LYS D 304 -11.81 -0.26 4.00
CA LYS D 304 -12.69 0.85 4.36
C LYS D 304 -13.16 0.74 5.81
N ALA D 305 -13.25 -0.48 6.34
CA ALA D 305 -13.68 -0.67 7.72
C ALA D 305 -12.63 -0.15 8.70
N THR D 306 -11.40 -0.64 8.58
CA THR D 306 -10.35 -0.25 9.52
C THR D 306 -10.03 1.23 9.40
N TRP D 307 -10.09 1.78 8.20
CA TRP D 307 -9.82 3.21 8.03
C TRP D 307 -10.88 4.06 8.70
N ASN D 308 -12.16 3.66 8.60
CA ASN D 308 -13.22 4.41 9.27
C ASN D 308 -13.07 4.31 10.79
N GLU D 309 -12.74 3.13 11.29
CA GLU D 309 -12.52 2.96 12.72
C GLU D 309 -11.34 3.80 13.21
N THR D 310 -10.21 3.71 12.53
CA THR D 310 -9.01 4.42 12.96
C THR D 310 -9.14 5.92 12.71
N LEU D 311 -9.93 6.33 11.71
CA LEU D 311 -10.18 7.75 11.51
C LEU D 311 -11.10 8.32 12.58
N GLY D 312 -11.89 7.47 13.24
CA GLY D 312 -12.72 7.91 14.34
C GLY D 312 -11.93 8.05 15.62
N LYS D 313 -10.95 7.17 15.82
CA LYS D 313 -10.08 7.27 17.00
C LYS D 313 -9.34 8.61 17.02
N VAL D 314 -8.88 9.08 15.85
CA VAL D 314 -8.24 10.38 15.78
C VAL D 314 -9.22 11.48 16.12
N VAL D 315 -10.48 11.33 15.70
CA VAL D 315 -11.51 12.33 16.01
C VAL D 315 -11.72 12.43 17.51
N LYS D 316 -11.78 11.29 18.20
CA LYS D 316 -12.00 11.28 19.64
C LYS D 316 -10.90 12.05 20.36
N GLN D 317 -9.64 11.79 19.99
CA GLN D 317 -8.53 12.49 20.60
C GLN D 317 -8.37 13.92 20.08
N LEU D 318 -8.86 14.21 18.87
CA LEU D 318 -8.90 15.59 18.41
C LEU D 318 -9.90 16.42 19.18
N ARG D 319 -10.93 15.79 19.76
CA ARG D 319 -11.91 16.52 20.55
C ARG D 319 -11.31 17.07 21.84
N LYS D 320 -10.33 16.36 22.42
CA LYS D 320 -9.73 16.79 23.67
C LYS D 320 -9.02 18.15 23.56
N HIS D 321 -8.83 18.66 22.34
CA HIS D 321 -8.21 19.95 22.15
C HIS D 321 -9.15 20.99 21.56
N PHE D 322 -10.36 20.60 21.15
CA PHE D 322 -11.30 21.53 20.54
C PHE D 322 -12.70 21.45 21.10
N GLY D 323 -12.99 20.52 22.01
CA GLY D 323 -14.26 20.49 22.70
C GLY D 323 -15.12 19.29 22.32
N ASN D 324 -15.85 18.78 23.32
CA ASN D 324 -16.77 17.66 23.07
C ASN D 324 -17.91 18.04 22.14
N ASN D 325 -18.19 19.33 21.98
CA ASN D 325 -19.33 19.79 21.20
C ASN D 325 -18.98 20.18 19.76
N THR D 326 -17.72 20.53 19.50
CA THR D 326 -17.35 21.03 18.18
C THR D 326 -17.39 19.92 17.14
N ILE D 327 -17.34 20.32 15.87
CA ILE D 327 -17.41 19.41 14.74
C ILE D 327 -16.14 19.58 13.92
N ILE D 328 -15.49 18.46 13.61
CA ILE D 328 -14.27 18.48 12.80
C ILE D 328 -14.54 17.77 11.48
N ARG D 329 -13.87 18.24 10.43
CA ARG D 329 -14.07 17.74 9.08
C ARG D 329 -12.74 17.40 8.45
N PHE D 330 -12.72 16.35 7.63
CA PHE D 330 -11.54 15.95 6.89
C PHE D 330 -11.72 16.33 5.42
N ALA D 331 -10.76 17.09 4.89
CA ALA D 331 -10.76 17.48 3.49
C ALA D 331 -9.41 17.15 2.88
N ASN D 332 -9.37 17.06 1.55
CA ASN D 332 -8.14 16.70 0.87
C ASN D 332 -7.17 17.88 0.86
N SER D 333 -6.00 17.67 0.27
CA SER D 333 -4.95 18.69 0.29
C SER D 333 -5.41 19.96 -0.42
N SER D 334 -4.81 21.09 -0.02
CA SER D 334 -5.18 22.40 -0.54
C SER D 334 -4.19 22.93 -1.57
N GLY D 335 -3.33 22.07 -2.10
CA GLY D 335 -2.40 22.46 -3.14
C GLY D 335 -0.96 22.32 -2.68
N GLY D 336 -0.05 22.79 -3.53
CA GLY D 336 1.37 22.70 -3.29
C GLY D 336 2.04 21.82 -4.33
N ASP D 337 3.29 21.44 -4.02
CA ASP D 337 4.03 20.55 -4.90
C ASP D 337 3.40 19.17 -4.91
N LEU D 338 3.72 18.40 -5.96
CA LEU D 338 3.09 17.09 -6.14
C LEU D 338 3.44 16.15 -5.00
N GLU D 339 4.67 16.23 -4.48
CA GLU D 339 5.08 15.33 -3.41
C GLU D 339 4.25 15.53 -2.15
N VAL D 340 3.74 16.75 -1.92
CA VAL D 340 3.02 17.04 -0.69
C VAL D 340 1.50 16.93 -0.83
N THR D 341 0.96 17.06 -2.04
CA THR D 341 -0.48 16.94 -2.25
C THR D 341 -0.97 15.51 -2.25
N THR D 342 -0.08 14.53 -2.37
CA THR D 342 -0.45 13.14 -2.51
C THR D 342 0.32 12.29 -1.50
N HIS D 343 -0.20 11.09 -1.24
CA HIS D 343 0.51 10.10 -0.43
C HIS D 343 1.65 9.54 -1.26
N SER D 344 2.75 10.28 -1.27
CA SER D 344 3.93 9.90 -2.04
C SER D 344 4.90 9.12 -1.18
N PHE D 345 5.47 8.07 -1.75
CA PHE D 345 6.32 7.14 -1.01
C PHE D 345 7.07 6.28 -2.03
N ASN D 346 7.82 5.31 -1.53
CA ASN D 346 8.60 4.40 -2.36
C ASN D 346 8.10 2.97 -2.14
N CYS D 347 7.83 2.27 -3.24
CA CYS D 347 7.28 0.92 -3.19
C CYS D 347 8.00 0.08 -4.23
N GLY D 348 8.89 -0.80 -3.77
CA GLY D 348 9.54 -1.74 -4.68
C GLY D 348 10.52 -1.11 -5.63
N GLY D 349 10.90 0.15 -5.39
CA GLY D 349 11.84 0.85 -6.22
C GLY D 349 11.24 1.95 -7.07
N GLU D 350 9.93 1.92 -7.29
CA GLU D 350 9.22 2.98 -7.98
C GLU D 350 8.60 3.92 -6.96
N PHE D 351 8.48 5.19 -7.34
CA PHE D 351 7.98 6.24 -6.44
C PHE D 351 6.52 6.52 -6.76
N PHE D 352 5.64 6.06 -5.88
CA PHE D 352 4.21 6.24 -6.05
C PHE D 352 3.77 7.63 -5.57
N TYR D 353 2.71 8.14 -6.19
CA TYR D 353 2.12 9.43 -5.83
C TYR D 353 0.60 9.22 -5.83
N CYS D 354 0.05 8.92 -4.66
CA CYS D 354 -1.32 8.44 -4.54
C CYS D 354 -2.26 9.57 -4.14
N ASN D 355 -3.23 9.85 -5.00
CA ASN D 355 -4.35 10.72 -4.67
C ASN D 355 -5.07 10.17 -3.44
N THR D 356 -5.32 11.04 -2.46
CA THR D 356 -5.78 10.63 -1.13
C THR D 356 -7.17 11.13 -0.78
N SER D 357 -7.90 11.71 -1.73
CA SER D 357 -9.21 12.28 -1.40
C SER D 357 -10.15 11.24 -0.80
N GLY D 358 -10.01 9.97 -1.20
CA GLY D 358 -10.81 8.89 -0.65
C GLY D 358 -10.51 8.53 0.79
N LEU D 359 -9.55 9.22 1.41
CA LEU D 359 -9.22 9.01 2.82
C LEU D 359 -9.57 10.20 3.69
N PHE D 360 -9.60 11.42 3.12
CA PHE D 360 -9.91 12.64 3.87
C PHE D 360 -11.06 13.34 3.15
N ASN D 361 -12.25 12.74 3.26
CA ASN D 361 -13.50 13.25 2.72
C ASN D 361 -14.60 12.83 3.69
N SER D 362 -14.61 13.45 4.87
CA SER D 362 -15.44 12.99 5.97
C SER D 362 -15.68 14.12 6.96
N THR D 363 -16.94 14.31 7.35
CA THR D 363 -17.31 15.21 8.43
C THR D 363 -17.98 14.40 9.52
N TRP D 364 -17.66 14.73 10.78
CA TRP D 364 -18.08 13.94 11.93
C TRP D 364 -18.95 14.78 12.86
N ILE D 365 -20.02 14.17 13.36
CA ILE D 365 -21.01 14.85 14.19
C ILE D 365 -20.48 14.97 15.61
N SER D 366 -21.13 15.80 16.43
CA SER D 366 -20.67 16.02 17.80
C SER D 366 -20.71 14.74 18.62
N ASN D 367 -21.63 13.84 18.32
CA ASN D 367 -21.68 12.54 19.00
C ASN D 367 -22.57 11.57 18.22
N ASP D 380 -16.07 -4.27 1.42
CA ASP D 380 -15.08 -3.87 0.41
C ASP D 380 -14.02 -2.95 1.01
N SER D 381 -13.17 -2.39 0.15
CA SER D 381 -12.14 -1.47 0.55
C SER D 381 -12.20 -0.23 -0.34
N ILE D 382 -11.53 0.82 0.08
CA ILE D 382 -11.37 2.02 -0.73
C ILE D 382 -10.05 1.94 -1.48
N THR D 383 -10.05 2.42 -2.71
CA THR D 383 -8.89 2.33 -3.60
C THR D 383 -8.33 3.71 -3.88
N LEU D 384 -7.01 3.82 -3.97
CA LEU D 384 -6.32 5.09 -4.15
C LEU D 384 -5.63 5.13 -5.50
N PRO D 385 -6.07 5.99 -6.44
CA PRO D 385 -5.41 6.05 -7.75
C PRO D 385 -4.05 6.72 -7.68
N CYS D 386 -2.99 5.96 -7.94
CA CYS D 386 -1.62 6.46 -7.82
C CYS D 386 -0.99 6.61 -9.20
N ARG D 387 -0.27 7.71 -9.38
CA ARG D 387 0.61 7.89 -10.53
C ARG D 387 2.04 7.60 -10.10
N ILE D 388 2.91 7.40 -11.09
CA ILE D 388 4.30 7.04 -10.83
C ILE D 388 5.23 8.04 -11.48
N LYS D 389 6.23 8.47 -10.74
CA LYS D 389 7.28 9.36 -11.22
C LYS D 389 8.61 8.61 -11.23
N GLN D 390 9.51 9.04 -12.12
CA GLN D 390 10.86 8.51 -12.16
C GLN D 390 11.92 9.56 -11.89
N ILE D 391 11.71 10.80 -12.33
CA ILE D 391 12.67 11.88 -12.13
C ILE D 391 12.19 12.65 -10.91
N ILE D 392 12.63 12.23 -9.74
CA ILE D 392 12.26 12.87 -8.47
C ILE D 392 13.37 13.86 -8.10
N ASN D 393 12.98 14.99 -7.54
CA ASN D 393 13.90 16.06 -7.20
C ASN D 393 14.24 16.03 -5.72
N MET D 394 15.43 16.52 -5.39
CA MET D 394 15.84 16.66 -4.00
C MET D 394 14.95 17.68 -3.31
N TRP D 395 14.64 17.41 -2.03
CA TRP D 395 13.70 18.22 -1.28
C TRP D 395 14.32 19.44 -0.63
N GLN D 396 15.66 19.53 -0.58
CA GLN D 396 16.29 20.65 0.10
C GLN D 396 16.74 21.72 -0.89
N ARG D 397 17.84 21.46 -1.60
CA ARG D 397 18.34 22.42 -2.57
C ARG D 397 17.57 22.27 -3.89
N ILE D 398 17.87 23.16 -4.83
CA ILE D 398 17.40 23.04 -6.20
C ILE D 398 18.63 22.95 -7.10
N GLY D 399 18.56 22.08 -8.10
CA GLY D 399 19.69 21.90 -9.00
C GLY D 399 20.20 20.48 -8.98
N GLN D 400 19.43 19.59 -8.37
CA GLN D 400 19.81 18.17 -8.32
C GLN D 400 18.55 17.33 -8.32
N ALA D 401 18.55 16.28 -9.14
CA ALA D 401 17.41 15.39 -9.25
C ALA D 401 17.88 13.99 -9.65
N MET D 402 17.17 12.97 -9.15
CA MET D 402 17.54 11.58 -9.37
C MET D 402 16.58 10.92 -10.34
N TYR D 403 17.10 10.02 -11.17
CA TYR D 403 16.30 9.18 -12.06
C TYR D 403 16.26 7.78 -11.48
N ALA D 404 15.11 7.38 -10.96
CA ALA D 404 14.95 6.03 -10.45
C ALA D 404 14.89 5.06 -11.63
N PRO D 405 15.78 4.09 -11.73
CA PRO D 405 15.73 3.17 -12.86
C PRO D 405 14.46 2.35 -12.82
N PRO D 406 13.92 1.99 -13.98
CA PRO D 406 12.64 1.25 -14.00
C PRO D 406 12.80 -0.16 -13.45
N ILE D 407 11.85 -0.56 -12.61
CA ILE D 407 11.85 -1.87 -11.99
C ILE D 407 11.14 -2.86 -12.92
N GLN D 408 11.72 -4.04 -13.05
CA GLN D 408 11.13 -5.08 -13.91
C GLN D 408 10.15 -5.93 -13.11
N GLY D 409 9.23 -6.55 -13.84
CA GLY D 409 8.20 -7.37 -13.24
C GLY D 409 7.02 -6.55 -12.74
N VAL D 410 6.24 -7.19 -11.88
CA VAL D 410 5.09 -6.54 -11.24
C VAL D 410 5.47 -6.17 -9.82
N ILE D 411 5.06 -4.96 -9.40
CA ILE D 411 5.38 -4.43 -8.09
C ILE D 411 4.12 -4.49 -7.23
N ARG D 412 4.27 -5.01 -6.01
CA ARG D 412 3.17 -5.00 -5.04
C ARG D 412 3.79 -5.04 -3.65
N CYS D 413 3.56 -3.99 -2.86
CA CYS D 413 4.09 -3.87 -1.51
C CYS D 413 2.93 -3.80 -0.51
N VAL D 414 3.17 -4.35 0.68
CA VAL D 414 2.16 -4.41 1.74
C VAL D 414 2.76 -3.81 3.00
N SER D 415 2.12 -2.77 3.53
CA SER D 415 2.63 -2.07 4.70
C SER D 415 1.47 -1.54 5.52
N ASN D 416 1.76 -1.15 6.76
CA ASN D 416 0.77 -0.56 7.65
C ASN D 416 0.89 0.95 7.65
N ILE D 417 -0.25 1.62 7.76
CA ILE D 417 -0.29 3.04 8.08
C ILE D 417 -0.36 3.18 9.60
N THR D 418 0.66 3.80 10.19
CA THR D 418 0.76 3.91 11.64
C THR D 418 0.63 5.33 12.15
N GLY D 419 0.54 6.33 11.27
CA GLY D 419 0.35 7.69 11.70
C GLY D 419 -0.10 8.55 10.54
N LEU D 420 -0.24 9.84 10.81
CA LEU D 420 -0.61 10.81 9.78
C LEU D 420 0.11 12.12 10.06
N ILE D 421 0.05 13.03 9.09
CA ILE D 421 0.57 14.39 9.22
C ILE D 421 -0.55 15.31 8.75
N LEU D 422 -1.23 15.96 9.69
CA LEU D 422 -2.43 16.72 9.41
C LEU D 422 -2.16 18.21 9.52
N THR D 423 -3.11 19.00 9.02
CA THR D 423 -3.01 20.46 8.99
C THR D 423 -4.37 21.06 9.28
N ARG D 424 -4.41 22.01 10.22
CA ARG D 424 -5.62 22.73 10.57
C ARG D 424 -5.64 24.07 9.83
N ASP D 425 -6.83 24.65 9.71
CA ASP D 425 -7.02 25.88 8.97
C ASP D 425 -7.45 27.06 9.85
N GLY D 426 -7.80 26.83 11.11
CA GLY D 426 -8.19 27.91 12.00
C GLY D 426 -9.67 28.22 11.98
N THR D 433 -17.01 24.74 13.26
CA THR D 433 -16.67 23.52 12.55
C THR D 433 -15.21 23.52 12.08
N GLU D 434 -14.38 22.72 12.74
CA GLU D 434 -12.98 22.62 12.38
C GLU D 434 -12.81 21.78 11.12
N THR D 435 -11.63 21.90 10.49
CA THR D 435 -11.31 21.16 9.29
C THR D 435 -9.84 20.78 9.32
N PHE D 436 -9.55 19.53 8.94
CA PHE D 436 -8.20 18.99 8.96
C PHE D 436 -7.87 18.38 7.60
N ARG D 437 -6.71 18.74 7.06
CA ARG D 437 -6.22 18.24 5.79
C ARG D 437 -4.77 17.81 5.96
N PRO D 438 -4.28 16.92 5.09
CA PRO D 438 -2.90 16.40 5.27
C PRO D 438 -1.84 17.25 4.58
N GLY D 439 -0.61 16.76 4.59
CA GLY D 439 0.52 17.44 4.00
C GLY D 439 1.79 17.08 4.74
N GLY D 440 2.80 17.93 4.58
CA GLY D 440 4.05 17.78 5.32
C GLY D 440 5.23 17.33 4.49
N GLY D 441 5.84 18.26 3.75
CA GLY D 441 7.00 17.98 2.93
C GLY D 441 8.33 18.04 3.64
N ASP D 442 8.34 18.18 4.96
CA ASP D 442 9.58 18.24 5.73
C ASP D 442 9.93 16.83 6.20
N MET D 443 11.10 16.35 5.79
CA MET D 443 11.49 14.97 6.08
C MET D 443 11.64 14.72 7.58
N ARG D 444 12.02 15.73 8.35
CA ARG D 444 12.27 15.53 9.77
C ARG D 444 10.99 15.30 10.56
N ASP D 445 9.83 15.62 9.99
CA ASP D 445 8.57 15.26 10.65
C ASP D 445 8.40 13.75 10.69
N ASN D 446 8.99 13.02 9.75
CA ASN D 446 8.97 11.56 9.82
C ASN D 446 9.83 11.05 10.96
N TRP D 447 11.03 11.63 11.13
CA TRP D 447 11.92 11.17 12.18
C TRP D 447 11.44 11.60 13.56
N ARG D 448 10.72 12.72 13.65
CA ARG D 448 10.10 13.12 14.92
C ARG D 448 9.14 12.03 15.40
N SER D 449 8.41 11.41 14.48
CA SER D 449 7.44 10.39 14.84
C SER D 449 8.08 9.16 15.46
N GLU D 450 9.39 8.99 15.31
CA GLU D 450 10.11 7.85 15.89
C GLU D 450 11.11 8.24 16.96
N LEU D 451 11.64 9.45 16.93
CA LEU D 451 12.63 9.92 17.90
C LEU D 451 12.00 10.74 19.02
N TYR D 452 10.67 10.76 19.14
CA TYR D 452 10.03 11.58 20.15
C TYR D 452 10.33 11.07 21.56
N LYS D 453 10.45 9.77 21.74
CA LYS D 453 10.65 9.18 23.06
C LYS D 453 12.11 9.14 23.49
N TYR D 454 13.02 9.78 22.74
CA TYR D 454 14.44 9.73 23.05
C TYR D 454 14.99 11.13 23.29
N LYS D 455 16.11 11.19 24.00
CA LYS D 455 16.74 12.43 24.41
C LYS D 455 18.19 12.15 24.75
N VAL D 456 19.09 13.02 24.28
CA VAL D 456 20.53 12.83 24.44
C VAL D 456 21.03 13.70 25.57
N VAL D 457 21.69 13.08 26.55
CA VAL D 457 22.32 13.77 27.66
C VAL D 457 23.79 13.38 27.71
N LYS D 458 24.54 14.04 28.59
CA LYS D 458 25.95 13.74 28.78
C LYS D 458 26.22 13.47 30.25
N ILE D 459 26.98 12.40 30.52
CA ILE D 459 27.32 12.02 31.88
C ILE D 459 28.39 12.96 32.41
N GLU D 460 28.23 13.39 33.66
CA GLU D 460 29.23 14.21 34.36
C GLU D 460 29.57 13.50 35.66
N PRO D 461 30.49 12.53 35.60
CA PRO D 461 30.71 11.64 36.76
C PRO D 461 31.39 12.29 37.94
N LEU D 462 31.79 13.56 37.86
CA LEU D 462 32.46 14.23 38.95
C LEU D 462 31.45 14.90 39.87
N GLY D 463 31.58 14.67 41.16
CA GLY D 463 30.71 15.27 42.15
C GLY D 463 31.42 15.52 43.47
N VAL D 464 31.25 16.71 44.02
CA VAL D 464 31.84 17.09 45.30
C VAL D 464 30.72 17.35 46.30
N ALA D 465 30.95 16.94 47.55
CA ALA D 465 29.94 17.06 48.58
C ALA D 465 30.63 16.98 49.93
N PRO D 466 30.05 17.59 50.97
CA PRO D 466 30.73 17.61 52.28
C PRO D 466 30.45 16.37 53.13
N THR D 467 31.50 15.94 53.83
CA THR D 467 31.38 14.95 54.88
C THR D 467 32.54 15.14 55.84
N ARG D 468 32.43 14.52 57.02
CA ARG D 468 33.45 14.65 58.05
C ARG D 468 34.68 13.79 57.81
N CYS D 469 35.09 13.65 56.55
CA CYS D 469 36.29 12.91 56.18
C CYS D 469 37.38 13.88 55.73
N LYS D 470 38.61 13.63 56.17
CA LYS D 470 39.72 14.51 55.90
C LYS D 470 40.95 13.67 55.54
N ARG D 471 41.69 14.13 54.54
CA ARG D 471 42.86 13.39 54.08
C ARG D 471 43.95 13.39 55.15
N ARG D 472 44.87 12.44 55.01
CA ARG D 472 45.98 12.26 55.96
C ARG D 472 45.47 12.05 57.38
N GLN E 1 -35.33 -20.79 -32.17
CA GLN E 1 -36.24 -19.76 -31.67
C GLN E 1 -36.08 -18.46 -32.47
N VAL E 2 -34.85 -18.10 -32.81
CA VAL E 2 -34.55 -16.87 -33.53
C VAL E 2 -33.86 -17.26 -34.84
N GLN E 3 -34.42 -16.81 -35.95
CA GLN E 3 -33.82 -17.01 -37.27
C GLN E 3 -33.89 -15.70 -38.05
N LEU E 4 -33.02 -15.58 -39.03
CA LEU E 4 -32.92 -14.37 -39.85
C LEU E 4 -33.00 -14.75 -41.32
N GLN E 5 -33.54 -13.82 -42.12
CA GLN E 5 -33.73 -14.04 -43.54
C GLN E 5 -33.44 -12.75 -44.29
N GLU E 6 -32.49 -12.81 -45.22
CA GLU E 6 -32.11 -11.64 -46.00
C GLU E 6 -33.01 -11.51 -47.24
N SER E 7 -32.92 -10.35 -47.88
CA SER E 7 -33.69 -10.07 -49.09
C SER E 7 -33.07 -8.87 -49.79
N GLY E 8 -32.80 -9.00 -51.08
CA GLY E 8 -32.14 -7.95 -51.82
C GLY E 8 -32.54 -7.90 -53.28
N PRO E 9 -31.97 -6.94 -54.02
CA PRO E 9 -32.33 -6.82 -55.44
C PRO E 9 -31.77 -7.93 -56.30
N GLY E 10 -30.55 -8.37 -56.03
CA GLY E 10 -29.86 -9.34 -56.87
C GLY E 10 -28.96 -8.69 -57.90
N LEU E 11 -29.38 -7.55 -58.43
CA LEU E 11 -28.60 -6.79 -59.40
C LEU E 11 -28.80 -5.31 -59.13
N VAL E 12 -27.70 -4.56 -59.11
CA VAL E 12 -27.72 -3.11 -58.94
C VAL E 12 -26.69 -2.51 -59.88
N LYS E 13 -27.09 -1.44 -60.58
CA LYS E 13 -26.21 -0.80 -61.54
C LYS E 13 -25.01 -0.17 -60.83
N PRO E 14 -23.90 0.03 -61.56
CA PRO E 14 -22.75 0.72 -60.95
C PRO E 14 -23.11 2.15 -60.56
N SER E 15 -22.58 2.59 -59.42
CA SER E 15 -22.85 3.91 -58.84
C SER E 15 -24.36 4.09 -58.62
N GLU E 16 -24.84 3.39 -57.60
CA GLU E 16 -26.26 3.40 -57.24
C GLU E 16 -26.41 2.85 -55.84
N THR E 17 -27.42 3.33 -55.13
CA THR E 17 -27.64 2.97 -53.73
C THR E 17 -28.15 1.54 -53.65
N LEU E 18 -27.27 0.61 -53.30
CA LEU E 18 -27.69 -0.74 -52.97
C LEU E 18 -28.49 -0.74 -51.68
N SER E 19 -29.52 -1.58 -51.62
CA SER E 19 -30.41 -1.61 -50.46
C SER E 19 -30.79 -3.04 -50.14
N LEU E 20 -30.68 -3.42 -48.86
CA LEU E 20 -30.99 -4.75 -48.38
C LEU E 20 -31.83 -4.64 -47.11
N THR E 21 -32.58 -5.71 -46.81
CA THR E 21 -33.32 -5.81 -45.58
C THR E 21 -33.14 -7.22 -45.01
N CYS E 22 -33.54 -7.39 -43.75
CA CYS E 22 -33.31 -8.63 -43.02
C CYS E 22 -34.39 -8.76 -41.94
N THR E 23 -35.09 -9.88 -41.94
CA THR E 23 -36.23 -10.09 -41.06
C THR E 23 -35.87 -11.05 -39.94
N VAL E 24 -36.23 -10.68 -38.71
CA VAL E 24 -35.98 -11.50 -37.52
C VAL E 24 -37.28 -12.22 -37.17
N SER E 25 -37.20 -13.54 -37.03
CA SER E 25 -38.36 -14.37 -36.76
C SER E 25 -38.16 -15.07 -35.41
N GLY E 26 -39.00 -14.72 -34.43
CA GLY E 26 -38.95 -15.36 -33.13
C GLY E 26 -38.72 -14.39 -31.98
N GLY E 27 -37.66 -13.59 -32.09
CA GLY E 27 -37.36 -12.57 -31.11
C GLY E 27 -37.61 -11.18 -31.65
N SER E 28 -37.45 -10.20 -30.76
CA SER E 28 -37.60 -8.81 -31.13
C SER E 28 -36.30 -8.28 -31.76
N ILE E 29 -36.30 -6.99 -32.09
CA ILE E 29 -35.19 -6.41 -32.85
C ILE E 29 -34.51 -5.31 -32.04
N SER E 30 -35.29 -4.57 -31.25
CA SER E 30 -34.79 -3.42 -30.51
C SER E 30 -34.17 -3.80 -29.17
N ASN E 31 -33.89 -5.09 -28.94
CA ASN E 31 -33.27 -5.54 -27.70
C ASN E 31 -31.98 -6.31 -27.95
N TYR E 32 -31.44 -6.28 -29.17
CA TYR E 32 -30.23 -7.00 -29.50
C TYR E 32 -29.38 -6.15 -30.45
N TYR E 33 -28.14 -6.59 -30.64
CA TYR E 33 -27.23 -6.02 -31.61
C TYR E 33 -27.26 -6.85 -32.88
N TRP E 34 -27.11 -6.19 -34.03
CA TRP E 34 -27.19 -6.85 -35.33
C TRP E 34 -26.03 -6.38 -36.20
N SER E 35 -25.54 -7.27 -37.06
CA SER E 35 -24.35 -7.02 -37.85
C SER E 35 -24.60 -7.37 -39.32
N TRP E 36 -24.06 -6.54 -40.21
CA TRP E 36 -24.04 -6.84 -41.64
C TRP E 36 -22.64 -7.30 -42.02
N ILE E 37 -22.57 -8.44 -42.71
CA ILE E 37 -21.30 -9.04 -43.11
C ILE E 37 -21.42 -9.47 -44.57
N ARG E 38 -20.42 -9.12 -45.37
CA ARG E 38 -20.36 -9.52 -46.78
C ARG E 38 -19.11 -10.32 -47.05
N GLN E 39 -19.18 -11.18 -48.07
CA GLN E 39 -18.09 -12.10 -48.40
C GLN E 39 -17.92 -12.12 -49.91
N SER E 40 -16.87 -11.46 -50.41
CA SER E 40 -16.58 -11.41 -51.82
C SER E 40 -15.85 -12.67 -52.28
N PRO E 41 -15.81 -12.93 -53.59
CA PRO E 41 -15.06 -14.09 -54.08
C PRO E 41 -13.56 -13.85 -53.97
N GLY E 42 -12.87 -14.78 -53.31
CA GLY E 42 -11.45 -14.65 -53.07
C GLY E 42 -11.13 -13.97 -51.76
N LYS E 43 -11.66 -12.75 -51.58
CA LYS E 43 -11.50 -12.05 -50.32
C LYS E 43 -12.28 -12.76 -49.22
N GLY E 44 -11.77 -12.66 -47.99
CA GLY E 44 -12.40 -13.30 -46.86
C GLY E 44 -13.63 -12.56 -46.37
N LEU E 45 -14.08 -12.96 -45.18
CA LEU E 45 -15.20 -12.28 -44.54
C LEU E 45 -14.83 -10.84 -44.23
N GLU E 46 -15.84 -9.97 -44.25
CA GLU E 46 -15.64 -8.55 -43.99
C GLU E 46 -16.78 -8.02 -43.14
N TRP E 47 -16.44 -7.35 -42.04
CA TRP E 47 -17.43 -6.79 -41.13
C TRP E 47 -17.80 -5.40 -41.63
N ILE E 48 -19.06 -5.24 -42.05
CA ILE E 48 -19.51 -3.96 -42.59
C ILE E 48 -19.80 -2.97 -41.47
N GLY E 49 -20.74 -3.31 -40.61
CA GLY E 49 -21.08 -2.46 -39.48
C GLY E 49 -22.00 -3.20 -38.54
N TYR E 50 -22.50 -2.46 -37.55
CA TYR E 50 -23.43 -3.06 -36.60
C TYR E 50 -24.30 -1.97 -35.98
N ILE E 51 -25.42 -2.39 -35.42
CA ILE E 51 -26.39 -1.50 -34.79
C ILE E 51 -26.77 -2.11 -33.45
N SER E 52 -26.98 -1.25 -32.46
CA SER E 52 -27.18 -1.67 -31.08
C SER E 52 -28.64 -2.01 -30.82
N ASP E 53 -28.97 -2.29 -29.56
CA ASP E 53 -30.37 -2.39 -29.17
C ASP E 53 -31.01 -1.01 -29.03
N SER E 54 -30.21 -0.01 -28.63
CA SER E 54 -30.65 1.39 -28.58
C SER E 54 -30.56 2.06 -29.94
N GLU E 55 -30.40 1.29 -31.02
CA GLU E 55 -30.39 1.81 -32.39
C GLU E 55 -29.26 2.82 -32.61
N SER E 56 -28.07 2.50 -32.08
CA SER E 56 -26.87 3.28 -32.33
C SER E 56 -25.99 2.53 -33.32
N THR E 57 -25.33 3.27 -34.20
CA THR E 57 -24.61 2.69 -35.32
C THR E 57 -23.11 2.95 -35.23
N ASN E 58 -22.34 2.06 -35.83
CA ASN E 58 -20.88 2.18 -35.88
C ASN E 58 -20.39 1.43 -37.11
N TYR E 59 -19.73 2.13 -38.02
CA TYR E 59 -19.34 1.59 -39.31
C TYR E 59 -17.85 1.27 -39.35
N ASN E 60 -17.51 0.20 -40.06
CA ASN E 60 -16.12 -0.12 -40.32
C ASN E 60 -15.48 1.04 -41.09
N PRO E 61 -14.31 1.53 -40.67
CA PRO E 61 -13.62 2.58 -41.44
C PRO E 61 -13.30 2.17 -42.87
N SER E 62 -13.43 0.88 -43.22
CA SER E 62 -13.24 0.45 -44.60
C SER E 62 -14.24 1.13 -45.53
N LEU E 63 -15.53 1.00 -45.21
CA LEU E 63 -16.60 1.56 -46.02
C LEU E 63 -17.45 2.56 -45.23
N LYS E 64 -16.84 3.19 -44.21
CA LYS E 64 -17.56 4.14 -43.37
C LYS E 64 -18.15 5.29 -44.17
N SER E 65 -17.48 5.71 -45.23
CA SER E 65 -17.88 6.90 -45.98
C SER E 65 -19.15 6.71 -46.78
N ARG E 66 -19.71 5.49 -46.86
CA ARG E 66 -20.82 5.27 -47.78
C ARG E 66 -21.80 4.17 -47.35
N VAL E 67 -21.84 3.80 -46.07
CA VAL E 67 -22.74 2.77 -45.58
C VAL E 67 -23.66 3.38 -44.53
N ILE E 68 -24.95 3.12 -44.66
CA ILE E 68 -25.95 3.57 -43.70
C ILE E 68 -26.77 2.36 -43.26
N ILE E 69 -26.81 2.10 -41.97
CA ILE E 69 -27.55 0.97 -41.40
C ILE E 69 -28.75 1.51 -40.65
N SER E 70 -29.89 0.84 -40.79
CA SER E 70 -31.14 1.30 -40.17
C SER E 70 -31.86 0.18 -39.45
N VAL E 71 -33.09 0.46 -39.00
CA VAL E 71 -33.87 -0.50 -38.23
C VAL E 71 -35.32 -0.01 -38.15
N ASP E 72 -36.27 -0.93 -38.29
CA ASP E 72 -37.69 -0.62 -38.16
C ASP E 72 -38.28 -1.53 -37.10
N THR E 73 -38.62 -0.96 -35.95
CA THR E 73 -39.09 -1.72 -34.80
C THR E 73 -40.58 -2.05 -34.88
N SER E 74 -41.31 -1.49 -35.84
CA SER E 74 -42.72 -1.84 -36.02
C SER E 74 -42.91 -3.35 -36.08
N LYS E 75 -42.15 -4.01 -36.95
CA LYS E 75 -41.93 -5.44 -36.93
C LYS E 75 -40.46 -5.68 -36.61
N ASN E 76 -39.90 -6.79 -37.11
CA ASN E 76 -38.50 -7.08 -36.85
C ASN E 76 -37.67 -6.98 -38.13
N GLN E 77 -37.56 -5.77 -38.68
CA GLN E 77 -36.85 -5.54 -39.93
C GLN E 77 -35.81 -4.45 -39.74
N LEU E 78 -34.58 -4.74 -40.14
CA LEU E 78 -33.50 -3.77 -40.17
C LEU E 78 -32.91 -3.76 -41.58
N SER E 79 -32.60 -2.57 -42.08
CA SER E 79 -32.17 -2.42 -43.45
C SER E 79 -30.71 -1.99 -43.53
N LEU E 80 -30.21 -1.94 -44.76
CA LEU E 80 -28.84 -1.56 -45.05
C LEU E 80 -28.81 -0.84 -46.39
N LYS E 81 -28.08 0.27 -46.45
CA LYS E 81 -27.97 1.05 -47.68
C LYS E 81 -26.50 1.37 -47.94
N LEU E 82 -26.05 1.05 -49.15
CA LEU E 82 -24.68 1.31 -49.58
C LEU E 82 -24.72 1.95 -50.96
N ASN E 83 -24.28 3.19 -51.05
CA ASN E 83 -24.27 3.92 -52.31
C ASN E 83 -22.88 3.90 -52.94
N SER E 84 -22.81 4.39 -54.18
CA SER E 84 -21.56 4.43 -54.94
C SER E 84 -20.93 3.05 -55.06
N VAL E 85 -21.77 2.06 -55.38
CA VAL E 85 -21.31 0.68 -55.45
C VAL E 85 -20.44 0.49 -56.69
N THR E 86 -19.41 -0.34 -56.55
CA THR E 86 -18.52 -0.69 -57.65
C THR E 86 -18.60 -2.20 -57.90
N ALA E 87 -17.79 -2.67 -58.85
CA ALA E 87 -17.77 -4.10 -59.16
C ALA E 87 -17.29 -4.91 -57.97
N ALA E 88 -16.29 -4.41 -57.25
CA ALA E 88 -15.74 -5.11 -56.10
C ALA E 88 -16.70 -5.17 -54.92
N ASP E 89 -17.91 -4.62 -55.05
CA ASP E 89 -18.90 -4.66 -53.98
C ASP E 89 -19.84 -5.86 -54.06
N SER E 90 -19.84 -6.58 -55.18
CA SER E 90 -20.70 -7.75 -55.31
C SER E 90 -20.21 -8.86 -54.40
N ALA E 91 -21.12 -9.40 -53.60
CA ALA E 91 -20.78 -10.43 -52.61
C ALA E 91 -22.07 -11.02 -52.06
N ILE E 92 -21.91 -12.02 -51.20
CA ILE E 92 -23.01 -12.57 -50.43
C ILE E 92 -23.07 -11.80 -49.13
N TYR E 93 -24.15 -11.05 -48.92
CA TYR E 93 -24.29 -10.22 -47.73
C TYR E 93 -25.09 -11.00 -46.68
N TYR E 94 -24.47 -11.22 -45.52
CA TYR E 94 -25.07 -11.99 -44.44
C TYR E 94 -25.60 -11.07 -43.35
N CYS E 95 -26.41 -11.65 -42.47
CA CYS E 95 -27.14 -10.92 -41.43
C CYS E 95 -27.13 -11.75 -40.16
N ALA E 96 -26.62 -11.19 -39.07
CA ALA E 96 -26.43 -11.99 -37.85
C ALA E 96 -26.64 -11.12 -36.62
N ARG E 97 -26.91 -11.80 -35.51
CA ARG E 97 -27.19 -11.15 -34.22
C ARG E 97 -25.89 -11.04 -33.43
N ALA E 98 -25.44 -9.82 -33.20
CA ALA E 98 -24.24 -9.59 -32.40
C ALA E 98 -24.58 -9.58 -30.92
N GLN E 99 -23.73 -10.24 -30.13
CA GLN E 99 -23.87 -10.30 -28.69
C GLN E 99 -22.75 -9.52 -28.04
N GLN E 100 -23.09 -8.65 -27.08
CA GLN E 100 -22.10 -7.81 -26.42
C GLN E 100 -21.50 -8.56 -25.24
N GLY E 101 -20.19 -8.70 -25.24
CA GLY E 101 -19.45 -9.26 -24.12
C GLY E 101 -18.51 -8.23 -23.55
N LYS E 102 -18.40 -8.20 -22.22
CA LYS E 102 -17.54 -7.26 -21.52
C LYS E 102 -16.35 -8.03 -20.94
N ARG E 103 -15.18 -7.80 -21.52
CA ARG E 103 -13.95 -8.45 -21.06
C ARG E 103 -13.29 -7.53 -20.03
N ILE E 104 -13.22 -7.98 -18.78
CA ILE E 104 -12.68 -7.20 -17.67
C ILE E 104 -11.34 -7.82 -17.27
N TYR E 105 -10.27 -7.05 -17.42
CA TYR E 105 -8.92 -7.48 -17.05
C TYR E 105 -8.41 -6.79 -15.80
N GLY E 106 -8.58 -5.48 -15.70
CA GLY E 106 -8.15 -4.75 -14.52
C GLY E 106 -9.28 -4.40 -13.58
N MET E 107 -9.45 -3.11 -13.30
CA MET E 107 -10.54 -2.62 -12.46
C MET E 107 -11.58 -1.92 -13.32
N VAL E 108 -12.85 -2.27 -13.10
CA VAL E 108 -13.93 -1.62 -13.85
C VAL E 108 -14.00 -0.14 -13.50
N SER E 109 -13.54 0.22 -12.30
CA SER E 109 -13.61 1.62 -11.87
C SER E 109 -12.63 2.49 -12.67
N PHE E 110 -11.46 1.96 -12.99
CA PHE E 110 -10.50 2.66 -13.83
C PHE E 110 -10.76 2.46 -15.32
N GLY E 111 -11.84 1.79 -15.68
CA GLY E 111 -12.15 1.53 -17.07
C GLY E 111 -11.29 0.47 -17.72
N GLU E 112 -10.55 -0.31 -16.94
CA GLU E 112 -9.70 -1.36 -17.49
C GLU E 112 -10.56 -2.52 -17.99
N PHE E 113 -11.32 -2.28 -19.04
CA PHE E 113 -12.14 -3.30 -19.69
C PHE E 113 -12.37 -2.86 -21.13
N PHE E 114 -12.89 -3.77 -21.93
CA PHE E 114 -13.24 -3.46 -23.30
C PHE E 114 -14.38 -4.36 -23.76
N TYR E 115 -15.15 -3.87 -24.73
CA TYR E 115 -16.30 -4.59 -25.26
C TYR E 115 -15.93 -5.30 -26.56
N TYR E 116 -16.36 -6.55 -26.68
CA TYR E 116 -16.21 -7.32 -27.91
C TYR E 116 -17.57 -7.79 -28.36
N TYR E 117 -17.71 -8.00 -29.68
CA TYR E 117 -18.96 -8.37 -30.29
C TYR E 117 -18.78 -9.65 -31.11
N TYR E 118 -19.76 -10.54 -31.02
CA TYR E 118 -19.71 -11.82 -31.72
C TYR E 118 -21.11 -12.20 -32.19
N MET E 119 -21.17 -12.76 -33.39
CA MET E 119 -22.43 -13.15 -34.01
C MET E 119 -22.70 -14.62 -33.72
N ASP E 120 -23.83 -14.90 -33.07
CA ASP E 120 -24.16 -16.26 -32.66
C ASP E 120 -25.25 -16.92 -33.50
N VAL E 121 -26.05 -16.14 -34.24
CA VAL E 121 -27.06 -16.69 -35.12
C VAL E 121 -27.12 -15.84 -36.39
N TRP E 122 -26.83 -16.46 -37.53
CA TRP E 122 -26.71 -15.75 -38.80
C TRP E 122 -27.94 -16.00 -39.68
N GLY E 123 -28.03 -15.21 -40.74
CA GLY E 123 -28.99 -15.45 -41.81
C GLY E 123 -28.49 -16.54 -42.73
N LYS E 124 -28.91 -16.48 -43.99
CA LYS E 124 -28.48 -17.43 -45.00
C LYS E 124 -27.68 -16.80 -46.13
N GLY E 125 -27.86 -15.52 -46.40
CA GLY E 125 -27.09 -14.83 -47.42
C GLY E 125 -27.96 -14.47 -48.61
N THR E 126 -27.79 -13.26 -49.11
CA THR E 126 -28.46 -12.79 -50.31
C THR E 126 -27.41 -12.44 -51.35
N THR E 127 -27.47 -13.09 -52.51
CA THR E 127 -26.49 -12.83 -53.56
C THR E 127 -26.78 -11.49 -54.21
N VAL E 128 -25.75 -10.67 -54.35
CA VAL E 128 -25.86 -9.34 -54.94
C VAL E 128 -24.74 -9.16 -55.94
N THR E 129 -25.10 -8.81 -57.18
CA THR E 129 -24.14 -8.64 -58.26
C THR E 129 -24.20 -7.20 -58.75
N VAL E 130 -23.03 -6.59 -58.93
CA VAL E 130 -22.91 -5.25 -59.48
C VAL E 130 -22.41 -5.38 -60.92
N SER E 131 -23.27 -5.05 -61.87
CA SER E 131 -22.93 -5.17 -63.27
C SER E 131 -23.80 -4.22 -64.08
N SER E 132 -23.20 -3.59 -65.09
CA SER E 132 -23.96 -2.73 -65.99
C SER E 132 -24.98 -3.51 -66.80
N ALA E 133 -24.82 -4.83 -66.92
CA ALA E 133 -25.68 -5.65 -67.74
C ALA E 133 -27.10 -5.68 -67.19
N SER E 134 -28.04 -6.00 -68.07
CA SER E 134 -29.45 -6.07 -67.72
C SER E 134 -29.83 -7.49 -67.33
N THR E 135 -30.88 -7.61 -66.51
CA THR E 135 -31.35 -8.92 -66.10
C THR E 135 -31.98 -9.67 -67.27
N LYS E 136 -32.06 -10.98 -67.13
CA LYS E 136 -32.70 -11.83 -68.13
C LYS E 136 -33.21 -13.10 -67.46
N GLY E 137 -34.45 -13.46 -67.74
CA GLY E 137 -35.01 -14.69 -67.25
C GLY E 137 -34.42 -15.89 -67.96
N PRO E 138 -34.46 -17.05 -67.31
CA PRO E 138 -33.87 -18.26 -67.87
C PRO E 138 -34.75 -18.84 -68.98
N SER E 139 -34.31 -19.98 -69.51
CA SER E 139 -35.05 -20.74 -70.52
C SER E 139 -34.97 -22.20 -70.11
N VAL E 140 -36.07 -22.72 -69.56
CA VAL E 140 -36.08 -24.05 -68.96
C VAL E 140 -36.54 -25.07 -70.00
N PHE E 141 -35.67 -26.05 -70.28
CA PHE E 141 -35.94 -27.14 -71.19
C PHE E 141 -35.93 -28.47 -70.44
N PRO E 142 -36.79 -29.41 -70.80
CA PRO E 142 -36.83 -30.69 -70.11
C PRO E 142 -35.71 -31.62 -70.57
N LEU E 143 -35.38 -32.57 -69.71
CA LEU E 143 -34.40 -33.61 -70.02
C LEU E 143 -35.05 -34.96 -69.72
N ALA E 144 -35.44 -35.67 -70.78
CA ALA E 144 -36.21 -36.91 -70.62
C ALA E 144 -35.29 -38.08 -70.31
N PRO E 145 -35.72 -39.01 -69.45
CA PRO E 145 -34.88 -40.17 -69.12
C PRO E 145 -34.92 -41.25 -70.20
N SER E 146 -34.38 -42.43 -69.87
CA SER E 146 -34.39 -43.56 -70.80
C SER E 146 -34.41 -44.88 -70.03
N GLY E 153 -30.90 -50.44 -62.48
CA GLY E 153 -32.05 -50.57 -61.59
C GLY E 153 -33.01 -49.39 -61.70
N THR E 154 -32.47 -48.19 -61.81
CA THR E 154 -33.25 -46.96 -61.89
C THR E 154 -32.77 -46.12 -63.07
N ALA E 155 -33.46 -45.00 -63.29
CA ALA E 155 -33.09 -44.02 -64.31
C ALA E 155 -33.17 -42.63 -63.69
N ALA E 156 -32.86 -41.61 -64.50
CA ALA E 156 -32.83 -40.25 -64.00
C ALA E 156 -33.26 -39.29 -65.09
N LEU E 157 -34.01 -38.26 -64.68
CA LEU E 157 -34.48 -37.21 -65.57
C LEU E 157 -33.96 -35.86 -65.08
N GLY E 158 -34.00 -34.86 -65.97
CA GLY E 158 -33.40 -33.59 -65.65
C GLY E 158 -34.23 -32.36 -65.91
N CYS E 159 -33.58 -31.20 -65.87
CA CYS E 159 -34.23 -29.92 -66.08
C CYS E 159 -33.15 -28.88 -66.39
N LEU E 160 -33.04 -28.49 -67.65
CA LEU E 160 -31.91 -27.69 -68.13
C LEU E 160 -32.29 -26.21 -68.08
N VAL E 161 -31.76 -25.50 -67.10
CA VAL E 161 -32.03 -24.08 -66.90
C VAL E 161 -30.85 -23.32 -67.49
N LYS E 162 -31.03 -22.72 -68.67
CA LYS E 162 -29.94 -22.10 -69.40
C LYS E 162 -30.21 -20.63 -69.66
N ASP E 163 -29.11 -19.87 -69.74
CA ASP E 163 -29.09 -18.47 -70.20
C ASP E 163 -29.98 -17.58 -69.32
N TYR E 164 -29.46 -17.31 -68.12
CA TYR E 164 -30.06 -16.33 -67.22
C TYR E 164 -28.95 -15.46 -66.62
N PHE E 165 -29.37 -14.41 -65.93
CA PHE E 165 -28.45 -13.48 -65.27
C PHE E 165 -29.24 -12.56 -64.33
N PRO E 166 -28.76 -12.37 -63.10
CA PRO E 166 -27.60 -13.07 -62.56
C PRO E 166 -27.99 -14.20 -61.60
N GLU E 167 -26.98 -14.78 -60.95
CA GLU E 167 -27.21 -15.77 -59.91
C GLU E 167 -28.11 -15.19 -58.82
N PRO E 168 -28.92 -16.01 -58.14
CA PRO E 168 -29.13 -17.46 -58.27
C PRO E 168 -30.47 -17.86 -58.86
N VAL E 169 -30.72 -19.17 -58.88
CA VAL E 169 -31.98 -19.75 -59.34
C VAL E 169 -32.30 -20.93 -58.43
N THR E 170 -33.45 -20.88 -57.76
CA THR E 170 -33.89 -22.00 -56.95
C THR E 170 -34.63 -23.02 -57.81
N VAL E 171 -34.46 -24.30 -57.47
CA VAL E 171 -35.07 -25.40 -58.21
C VAL E 171 -35.69 -26.38 -57.23
N SER E 172 -36.97 -26.66 -57.40
CA SER E 172 -37.68 -27.68 -56.63
C SER E 172 -38.45 -28.57 -57.58
N TRP E 173 -38.67 -29.81 -57.17
CA TRP E 173 -39.36 -30.80 -57.99
C TRP E 173 -40.72 -31.11 -57.37
N ASN E 174 -41.76 -31.16 -58.22
CA ASN E 174 -43.13 -31.38 -57.79
C ASN E 174 -43.58 -30.33 -56.77
N SER E 175 -43.20 -29.07 -57.03
CA SER E 175 -43.55 -27.93 -56.18
C SER E 175 -43.06 -28.13 -54.75
N GLY E 176 -41.99 -28.90 -54.57
CA GLY E 176 -41.42 -29.17 -53.27
C GLY E 176 -41.68 -30.57 -52.75
N ALA E 177 -42.50 -31.37 -53.44
CA ALA E 177 -42.81 -32.71 -52.96
C ALA E 177 -41.62 -33.65 -53.13
N LEU E 178 -41.18 -33.86 -54.36
CA LEU E 178 -40.04 -34.73 -54.62
C LEU E 178 -38.76 -34.11 -54.04
N THR E 179 -38.18 -34.78 -53.05
CA THR E 179 -37.01 -34.25 -52.37
C THR E 179 -35.87 -35.27 -52.31
N SER E 180 -36.20 -36.55 -52.38
CA SER E 180 -35.19 -37.59 -52.33
C SER E 180 -34.57 -37.80 -53.70
N GLY E 181 -33.25 -37.95 -53.73
CA GLY E 181 -32.54 -38.17 -54.97
C GLY E 181 -32.39 -36.95 -55.85
N VAL E 182 -32.75 -35.77 -55.36
CA VAL E 182 -32.58 -34.54 -56.13
C VAL E 182 -31.12 -34.10 -56.07
N HIS E 183 -30.65 -33.47 -57.14
CA HIS E 183 -29.26 -33.04 -57.23
C HIS E 183 -29.19 -31.86 -58.19
N THR E 184 -29.03 -30.67 -57.65
CA THR E 184 -28.93 -29.44 -58.44
C THR E 184 -27.46 -29.07 -58.60
N PHE E 185 -27.07 -28.73 -59.83
CA PHE E 185 -25.66 -28.53 -60.12
C PHE E 185 -25.33 -27.04 -60.25
N PRO E 186 -24.16 -26.64 -59.72
CA PRO E 186 -23.70 -25.25 -59.89
C PRO E 186 -23.77 -24.74 -61.32
N ALA E 187 -23.82 -23.43 -61.48
CA ALA E 187 -24.05 -22.81 -62.78
C ALA E 187 -22.76 -22.77 -63.59
N VAL E 188 -22.87 -22.27 -64.83
CA VAL E 188 -21.74 -22.12 -65.74
C VAL E 188 -21.88 -20.77 -66.42
N LEU E 189 -20.90 -19.89 -66.20
CA LEU E 189 -20.89 -18.57 -66.82
C LEU E 189 -20.35 -18.71 -68.24
N GLN E 190 -21.25 -18.76 -69.22
CA GLN E 190 -20.84 -18.81 -70.61
C GLN E 190 -20.15 -17.50 -71.01
N SER E 191 -19.40 -17.56 -72.11
CA SER E 191 -18.72 -16.36 -72.61
C SER E 191 -19.72 -15.27 -72.97
N SER E 192 -20.95 -15.64 -73.31
CA SER E 192 -22.00 -14.67 -73.56
C SER E 192 -22.38 -13.88 -72.31
N GLY E 193 -21.96 -14.34 -71.13
CA GLY E 193 -22.22 -13.63 -69.90
C GLY E 193 -23.43 -14.12 -69.13
N LEU E 194 -23.94 -15.30 -69.41
CA LEU E 194 -25.15 -15.81 -68.78
C LEU E 194 -24.87 -17.16 -68.14
N TYR E 195 -25.44 -17.36 -66.96
CA TYR E 195 -25.29 -18.63 -66.25
C TYR E 195 -26.22 -19.68 -66.85
N SER E 196 -25.84 -20.95 -66.65
CA SER E 196 -26.63 -22.08 -67.13
C SER E 196 -26.57 -23.18 -66.08
N LEU E 197 -27.73 -23.57 -65.57
CA LEU E 197 -27.86 -24.54 -64.50
C LEU E 197 -28.42 -25.84 -65.05
N SER E 198 -28.46 -26.87 -64.19
CA SER E 198 -29.06 -28.14 -64.53
C SER E 198 -29.40 -28.88 -63.24
N SER E 199 -30.62 -29.39 -63.15
CA SER E 199 -31.08 -30.16 -62.01
C SER E 199 -31.54 -31.54 -62.49
N VAL E 200 -31.26 -32.56 -61.67
CA VAL E 200 -31.57 -33.95 -62.02
C VAL E 200 -31.98 -34.69 -60.76
N VAL E 201 -33.01 -35.53 -60.89
CA VAL E 201 -33.43 -36.43 -59.82
C VAL E 201 -33.28 -37.86 -60.30
N THR E 202 -32.93 -38.75 -59.38
CA THR E 202 -32.88 -40.19 -59.63
C THR E 202 -34.11 -40.83 -59.00
N VAL E 203 -34.98 -41.38 -59.84
CA VAL E 203 -36.24 -41.95 -59.39
C VAL E 203 -36.30 -43.40 -59.86
N PRO E 204 -37.09 -44.24 -59.19
CA PRO E 204 -37.23 -45.63 -59.64
C PRO E 204 -37.75 -45.71 -61.06
N SER E 205 -37.34 -46.78 -61.76
CA SER E 205 -37.69 -46.92 -63.17
C SER E 205 -39.20 -47.01 -63.36
N SER E 206 -39.87 -47.82 -62.53
CA SER E 206 -41.30 -48.05 -62.71
C SER E 206 -42.12 -46.79 -62.50
N SER E 207 -41.59 -45.80 -61.77
CA SER E 207 -42.30 -44.55 -61.53
C SER E 207 -42.48 -43.71 -62.79
N LEU E 208 -41.97 -44.15 -63.94
CA LEU E 208 -42.10 -43.37 -65.16
C LEU E 208 -43.54 -43.29 -65.63
N GLY E 209 -44.37 -44.27 -65.28
CA GLY E 209 -45.73 -44.31 -65.78
C GLY E 209 -46.78 -44.48 -64.69
N THR E 210 -47.39 -43.37 -64.28
CA THR E 210 -47.05 -42.05 -64.78
C THR E 210 -47.03 -41.04 -63.65
N GLN E 211 -46.04 -41.17 -62.75
CA GLN E 211 -45.84 -40.18 -61.71
C GLN E 211 -45.35 -38.89 -62.35
N THR E 212 -46.20 -37.86 -62.34
CA THR E 212 -45.86 -36.61 -62.98
C THR E 212 -44.70 -35.94 -62.28
N TYR E 213 -43.68 -35.57 -63.04
CA TYR E 213 -42.49 -34.91 -62.51
C TYR E 213 -42.48 -33.47 -63.01
N ILE E 214 -42.81 -32.54 -62.12
CA ILE E 214 -42.88 -31.12 -62.45
C ILE E 214 -41.62 -30.45 -61.94
N CYS E 215 -40.86 -29.85 -62.86
CA CYS E 215 -39.68 -29.07 -62.49
C CYS E 215 -40.10 -27.63 -62.23
N ASN E 216 -39.74 -27.11 -61.06
CA ASN E 216 -40.04 -25.75 -60.66
C ASN E 216 -38.76 -24.93 -60.67
N VAL E 217 -38.80 -23.76 -61.29
CA VAL E 217 -37.64 -22.88 -61.43
C VAL E 217 -38.07 -21.46 -61.13
N ASN E 218 -37.30 -20.76 -60.31
CA ASN E 218 -37.57 -19.38 -59.95
C ASN E 218 -36.30 -18.55 -60.10
N HIS E 219 -36.44 -17.37 -60.71
CA HIS E 219 -35.35 -16.43 -60.89
C HIS E 219 -35.88 -15.06 -60.48
N LYS E 220 -35.72 -14.74 -59.19
CA LYS E 220 -36.29 -13.51 -58.65
C LYS E 220 -35.79 -12.23 -59.31
N PRO E 221 -34.50 -12.08 -59.68
CA PRO E 221 -34.07 -10.82 -60.32
C PRO E 221 -34.83 -10.46 -61.59
N SER E 222 -35.66 -11.36 -62.13
CA SER E 222 -36.53 -11.04 -63.25
C SER E 222 -37.97 -11.44 -63.02
N ASN E 223 -38.31 -11.83 -61.79
CA ASN E 223 -39.65 -12.34 -61.41
C ASN E 223 -40.22 -13.24 -62.51
N THR E 224 -39.42 -14.22 -62.92
CA THR E 224 -39.75 -15.12 -64.02
C THR E 224 -39.75 -16.55 -63.51
N LYS E 225 -40.76 -16.92 -62.73
CA LYS E 225 -40.97 -18.31 -62.38
C LYS E 225 -41.57 -19.05 -63.57
N VAL E 226 -41.18 -20.31 -63.73
CA VAL E 226 -41.64 -21.15 -64.83
C VAL E 226 -41.84 -22.57 -64.31
N ASP E 227 -42.36 -23.43 -65.18
CA ASP E 227 -42.52 -24.84 -64.88
C ASP E 227 -42.34 -25.64 -66.16
N LYS E 228 -42.15 -26.95 -66.00
CA LYS E 228 -42.05 -27.86 -67.13
C LYS E 228 -42.11 -29.30 -66.62
N LYS E 229 -42.81 -30.15 -67.35
CA LYS E 229 -42.88 -31.57 -67.06
C LYS E 229 -41.87 -32.33 -67.91
N VAL E 230 -41.63 -33.58 -67.54
CA VAL E 230 -40.71 -34.46 -68.26
C VAL E 230 -41.40 -35.80 -68.48
N GLU E 231 -41.27 -36.32 -69.71
CA GLU E 231 -41.84 -37.62 -70.04
C GLU E 231 -41.19 -38.12 -71.32
N PRO E 232 -40.92 -39.43 -71.45
CA PRO E 232 -40.24 -40.01 -72.60
C PRO E 232 -40.96 -39.75 -73.92
N SER F 4 -8.82 -11.24 -47.82
CA SER F 4 -7.52 -11.38 -47.19
C SER F 4 -6.88 -12.72 -47.55
N TYR F 5 -5.59 -12.86 -47.22
CA TYR F 5 -4.83 -14.04 -47.60
C TYR F 5 -5.34 -15.28 -46.88
N VAL F 6 -4.97 -16.45 -47.40
CA VAL F 6 -5.39 -17.74 -46.86
C VAL F 6 -4.15 -18.61 -46.66
N ARG F 7 -4.06 -19.24 -45.49
CA ARG F 7 -2.97 -20.14 -45.16
C ARG F 7 -3.51 -21.55 -44.97
N PRO F 8 -2.95 -22.54 -45.64
CA PRO F 8 -3.54 -23.89 -45.63
C PRO F 8 -3.10 -24.70 -44.41
N LEU F 9 -3.76 -25.85 -44.24
CA LEU F 9 -3.43 -26.79 -43.18
C LEU F 9 -4.05 -28.13 -43.54
N SER F 10 -3.24 -29.19 -43.45
CA SER F 10 -3.69 -30.54 -43.78
C SER F 10 -3.62 -31.40 -42.51
N VAL F 11 -4.74 -31.97 -42.13
CA VAL F 11 -4.84 -32.87 -40.98
C VAL F 11 -5.39 -34.20 -41.47
N ALA F 12 -4.74 -35.29 -41.08
CA ALA F 12 -5.19 -36.62 -41.46
C ALA F 12 -6.54 -36.92 -40.82
N LEU F 13 -7.32 -37.77 -41.50
CA LEU F 13 -8.66 -38.11 -41.04
C LEU F 13 -8.59 -38.81 -39.69
N GLY F 14 -9.32 -38.28 -38.71
CA GLY F 14 -9.40 -38.83 -37.38
C GLY F 14 -8.45 -38.19 -36.38
N GLU F 15 -7.44 -37.47 -36.85
CA GLU F 15 -6.44 -36.86 -35.98
C GLU F 15 -7.07 -35.70 -35.20
N THR F 16 -6.24 -34.99 -34.44
CA THR F 16 -6.63 -33.75 -33.79
C THR F 16 -5.99 -32.59 -34.52
N ALA F 17 -6.76 -31.54 -34.75
CA ALA F 17 -6.30 -30.37 -35.50
C ALA F 17 -5.89 -29.26 -34.54
N SER F 18 -4.74 -28.65 -34.80
CA SER F 18 -4.24 -27.52 -34.03
C SER F 18 -4.12 -26.33 -34.96
N ILE F 19 -5.07 -25.40 -34.87
CA ILE F 19 -5.11 -24.22 -35.71
C ILE F 19 -4.72 -23.03 -34.85
N SER F 20 -3.47 -22.58 -34.99
CA SER F 20 -3.02 -21.41 -34.27
C SER F 20 -3.62 -20.14 -34.89
N CYS F 21 -3.85 -19.15 -34.04
CA CYS F 21 -4.46 -17.90 -34.50
C CYS F 21 -3.46 -17.08 -35.32
N GLY F 22 -4.00 -16.25 -36.21
CA GLY F 22 -3.17 -15.45 -37.09
C GLY F 22 -2.35 -14.40 -36.36
N ARG F 23 -3.02 -13.54 -35.60
CA ARG F 23 -2.37 -12.48 -34.84
C ARG F 23 -2.35 -12.83 -33.36
N GLN F 24 -1.21 -12.61 -32.72
CA GLN F 24 -1.06 -12.85 -31.30
C GLN F 24 -1.51 -11.64 -30.50
N ALA F 25 -2.01 -11.89 -29.30
CA ALA F 25 -2.59 -10.84 -28.47
C ALA F 25 -1.51 -10.16 -27.63
N LEU F 26 -1.57 -8.83 -27.58
CA LEU F 26 -0.65 -8.04 -26.78
C LEU F 26 -1.08 -7.91 -25.32
N GLY F 27 -2.35 -8.17 -25.00
CA GLY F 27 -2.82 -8.12 -23.64
C GLY F 27 -3.84 -9.20 -23.34
N SER F 28 -4.72 -8.95 -22.37
CA SER F 28 -5.81 -9.88 -22.09
C SER F 28 -6.75 -9.93 -23.30
N ARG F 29 -7.12 -11.14 -23.70
CA ARG F 29 -7.72 -11.38 -25.00
C ARG F 29 -9.13 -11.96 -24.87
N ALA F 30 -9.92 -11.77 -25.93
CA ALA F 30 -11.25 -12.36 -26.06
C ALA F 30 -11.39 -12.74 -27.53
N VAL F 31 -11.25 -14.03 -27.83
CA VAL F 31 -11.13 -14.52 -29.20
C VAL F 31 -12.38 -15.30 -29.58
N GLN F 32 -12.86 -15.07 -30.80
CA GLN F 32 -13.98 -15.81 -31.37
C GLN F 32 -13.50 -16.70 -32.51
N TRP F 33 -14.10 -17.88 -32.63
CA TRP F 33 -13.77 -18.83 -33.68
C TRP F 33 -15.01 -19.09 -34.52
N TYR F 34 -14.92 -18.81 -35.82
CA TYR F 34 -16.00 -19.06 -36.77
C TYR F 34 -15.59 -20.14 -37.76
N GLN F 35 -16.54 -20.98 -38.14
CA GLN F 35 -16.36 -21.96 -39.20
C GLN F 35 -17.16 -21.48 -40.41
N HIS F 36 -16.46 -21.23 -41.51
CA HIS F 36 -17.08 -20.71 -42.73
C HIS F 36 -16.68 -21.58 -43.91
N ARG F 37 -17.67 -22.16 -44.58
CA ARG F 37 -17.47 -22.81 -45.87
C ARG F 37 -18.09 -21.91 -46.94
N PRO F 38 -17.31 -21.49 -47.93
CA PRO F 38 -17.79 -20.43 -48.85
C PRO F 38 -19.13 -20.77 -49.47
N GLY F 39 -19.94 -19.73 -49.68
CA GLY F 39 -21.29 -19.91 -50.16
C GLY F 39 -22.26 -20.36 -49.09
N GLN F 40 -21.95 -20.14 -47.81
CA GLN F 40 -22.78 -20.60 -46.72
C GLN F 40 -22.62 -19.66 -45.54
N ALA F 41 -23.54 -19.76 -44.60
CA ALA F 41 -23.50 -18.91 -43.41
C ALA F 41 -22.39 -19.37 -42.47
N PRO F 42 -21.56 -18.46 -41.97
CA PRO F 42 -20.55 -18.86 -40.98
C PRO F 42 -21.20 -19.40 -39.71
N ILE F 43 -20.44 -20.22 -38.99
CA ILE F 43 -20.90 -20.90 -37.79
C ILE F 43 -19.97 -20.54 -36.65
N LEU F 44 -20.45 -19.70 -35.74
CA LEU F 44 -19.67 -19.33 -34.56
C LEU F 44 -19.40 -20.55 -33.70
N LEU F 45 -18.15 -21.01 -33.66
CA LEU F 45 -17.77 -22.19 -32.90
C LEU F 45 -17.53 -21.88 -31.42
N ILE F 46 -16.74 -20.85 -31.12
CA ILE F 46 -16.39 -20.48 -29.75
C ILE F 46 -16.38 -18.96 -29.67
N TYR F 47 -17.13 -18.40 -28.72
CA TYR F 47 -17.29 -16.96 -28.65
C TYR F 47 -16.40 -16.29 -27.61
N ASN F 48 -16.40 -16.76 -26.37
CA ASN F 48 -15.40 -16.31 -25.42
C ASN F 48 -14.08 -17.03 -25.74
N ASN F 49 -13.06 -16.87 -24.89
CA ASN F 49 -11.80 -17.56 -25.15
C ASN F 49 -11.95 -19.08 -25.13
N GLN F 50 -13.04 -19.60 -24.57
CA GLN F 50 -13.24 -21.03 -24.48
C GLN F 50 -14.72 -21.41 -24.40
N ASP F 51 -15.61 -20.42 -24.29
CA ASP F 51 -17.04 -20.68 -24.22
C ASP F 51 -17.57 -21.00 -25.62
N ARG F 52 -18.25 -22.15 -25.74
CA ARG F 52 -18.83 -22.53 -27.02
C ARG F 52 -20.35 -22.64 -26.90
N PRO F 53 -21.09 -22.18 -27.91
CA PRO F 53 -22.56 -22.23 -27.83
C PRO F 53 -23.11 -23.64 -27.97
N SER F 54 -24.42 -23.78 -27.82
CA SER F 54 -25.07 -25.07 -28.01
C SER F 54 -25.12 -25.44 -29.49
N GLY F 55 -25.30 -26.73 -29.75
CA GLY F 55 -25.27 -27.22 -31.11
C GLY F 55 -23.88 -27.35 -31.71
N ILE F 56 -22.86 -27.46 -30.86
CA ILE F 56 -21.48 -27.58 -31.31
C ILE F 56 -20.80 -28.65 -30.45
N PRO F 57 -20.18 -29.65 -31.05
CA PRO F 57 -19.66 -30.78 -30.26
C PRO F 57 -18.50 -30.37 -29.37
N GLU F 58 -18.25 -31.21 -28.35
CA GLU F 58 -17.18 -30.96 -27.40
C GLU F 58 -15.80 -31.10 -28.04
N ARG F 59 -15.71 -31.71 -29.22
CA ARG F 59 -14.42 -31.86 -29.89
C ARG F 59 -13.84 -30.52 -30.32
N PHE F 60 -14.66 -29.48 -30.42
CA PHE F 60 -14.19 -28.13 -30.71
C PHE F 60 -13.90 -27.42 -29.39
N SER F 61 -12.63 -27.09 -29.17
CA SER F 61 -12.19 -26.50 -27.91
C SER F 61 -11.21 -25.36 -28.18
N GLY F 62 -11.19 -24.39 -27.25
CA GLY F 62 -10.30 -23.26 -27.37
C GLY F 62 -9.54 -23.04 -26.07
N THR F 63 -8.40 -22.36 -26.20
CA THR F 63 -7.54 -22.14 -25.05
C THR F 63 -7.99 -20.91 -24.27
N PRO F 64 -8.24 -21.03 -22.98
CA PRO F 64 -8.63 -19.86 -22.18
C PRO F 64 -7.45 -18.93 -21.96
N ASP F 65 -7.75 -17.77 -21.38
CA ASP F 65 -6.74 -16.77 -21.06
C ASP F 65 -6.48 -16.80 -19.56
N ILE F 66 -5.61 -17.72 -19.15
CA ILE F 66 -5.26 -17.89 -17.74
C ILE F 66 -4.08 -16.98 -17.41
N ASN F 67 -2.93 -17.27 -18.01
CA ASN F 67 -1.73 -16.46 -17.85
C ASN F 67 -1.32 -15.91 -19.21
N PHE F 68 -0.83 -14.67 -19.22
CA PHE F 68 -0.41 -14.06 -20.47
C PHE F 68 0.74 -14.85 -21.09
N GLY F 69 0.76 -14.92 -22.42
CA GLY F 69 1.77 -15.66 -23.13
C GLY F 69 1.19 -16.82 -23.92
N THR F 70 0.13 -17.42 -23.39
CA THR F 70 -0.53 -18.51 -24.09
C THR F 70 -1.13 -18.03 -25.39
N ARG F 71 -0.87 -18.76 -26.47
CA ARG F 71 -1.39 -18.41 -27.79
C ARG F 71 -2.78 -18.99 -27.98
N ALA F 72 -3.60 -18.27 -28.74
CA ALA F 72 -4.96 -18.71 -29.04
C ALA F 72 -4.90 -19.78 -30.13
N THR F 73 -5.31 -21.00 -29.79
CA THR F 73 -5.28 -22.12 -30.73
C THR F 73 -6.63 -22.83 -30.67
N LEU F 74 -7.32 -22.88 -31.80
CA LEU F 74 -8.52 -23.70 -31.92
C LEU F 74 -8.10 -25.16 -32.10
N THR F 75 -8.72 -26.06 -31.34
CA THR F 75 -8.36 -27.47 -31.33
C THR F 75 -9.56 -28.30 -31.74
N ILE F 76 -9.46 -28.98 -32.87
CA ILE F 76 -10.50 -29.86 -33.39
C ILE F 76 -10.00 -31.28 -33.23
N SER F 77 -10.53 -32.00 -32.24
CA SER F 77 -10.18 -33.40 -32.04
C SER F 77 -11.09 -34.29 -32.88
N GLY F 78 -10.52 -35.38 -33.39
CA GLY F 78 -11.28 -36.28 -34.24
C GLY F 78 -11.79 -35.60 -35.49
N VAL F 79 -10.88 -35.27 -36.41
CA VAL F 79 -11.28 -34.52 -37.60
C VAL F 79 -12.00 -35.45 -38.57
N GLU F 80 -13.07 -34.94 -39.17
CA GLU F 80 -13.84 -35.66 -40.17
C GLU F 80 -13.89 -34.84 -41.46
N ALA F 81 -14.45 -35.46 -42.51
CA ALA F 81 -14.52 -34.80 -43.81
C ALA F 81 -15.39 -33.54 -43.76
N GLY F 82 -16.37 -33.50 -42.85
CA GLY F 82 -17.19 -32.32 -42.72
C GLY F 82 -16.48 -31.12 -42.15
N ASP F 83 -15.33 -31.33 -41.50
CA ASP F 83 -14.58 -30.24 -40.89
C ASP F 83 -13.80 -29.41 -41.91
N GLU F 84 -13.86 -29.74 -43.19
CA GLU F 84 -13.19 -28.97 -44.23
C GLU F 84 -13.91 -27.64 -44.41
N ALA F 85 -13.27 -26.55 -44.01
CA ALA F 85 -13.86 -25.22 -44.11
C ALA F 85 -12.76 -24.19 -43.83
N ASP F 86 -13.15 -22.91 -43.88
CA ASP F 86 -12.28 -21.83 -43.46
C ASP F 86 -12.55 -21.50 -42.00
N TYR F 87 -11.49 -21.38 -41.21
CA TYR F 87 -11.59 -21.05 -39.80
C TYR F 87 -10.99 -19.67 -39.56
N TYR F 88 -11.75 -18.80 -38.91
CA TYR F 88 -11.34 -17.42 -38.67
C TYR F 88 -11.11 -17.19 -37.19
N CYS F 89 -10.18 -16.28 -36.88
CA CYS F 89 -9.79 -15.95 -35.51
C CYS F 89 -10.10 -14.47 -35.29
N HIS F 90 -11.30 -14.18 -34.77
CA HIS F 90 -11.68 -12.81 -34.45
C HIS F 90 -11.00 -12.44 -33.14
N MET F 91 -9.93 -11.66 -33.22
CA MET F 91 -9.05 -11.40 -32.09
C MET F 91 -9.37 -10.03 -31.48
N TRP F 92 -9.69 -10.03 -30.18
CA TRP F 92 -9.86 -8.82 -29.40
C TRP F 92 -8.87 -8.83 -28.25
N ASP F 93 -8.37 -7.65 -27.87
CA ASP F 93 -7.50 -7.53 -26.71
C ASP F 93 -7.65 -6.15 -26.11
N SER F 94 -7.10 -5.98 -24.90
CA SER F 94 -7.16 -4.70 -24.23
C SER F 94 -6.23 -3.68 -24.88
N ARG F 95 -5.14 -4.14 -25.51
CA ARG F 95 -4.15 -3.25 -26.06
C ARG F 95 -4.63 -2.62 -27.37
N SER F 96 -4.83 -3.44 -28.40
CA SER F 96 -5.15 -2.93 -29.72
C SER F 96 -6.57 -2.34 -29.75
N GLY F 97 -6.97 -1.87 -30.92
CA GLY F 97 -8.24 -1.19 -31.10
C GLY F 97 -9.40 -2.11 -31.40
N PHE F 98 -10.35 -1.59 -32.18
CA PHE F 98 -11.56 -2.34 -32.51
C PHE F 98 -11.25 -3.37 -33.57
N SER F 99 -11.68 -4.62 -33.33
CA SER F 99 -11.40 -5.73 -34.23
C SER F 99 -12.40 -5.72 -35.38
N TRP F 100 -12.09 -4.94 -36.42
CA TRP F 100 -12.96 -4.88 -37.58
C TRP F 100 -12.71 -6.05 -38.53
N SER F 101 -11.46 -6.22 -38.94
CA SER F 101 -11.12 -7.34 -39.81
C SER F 101 -11.28 -8.66 -39.06
N PHE F 102 -11.85 -9.65 -39.75
CA PHE F 102 -11.94 -11.00 -39.18
C PHE F 102 -10.60 -11.71 -39.16
N GLY F 103 -9.58 -11.16 -39.81
CA GLY F 103 -8.29 -11.80 -39.84
C GLY F 103 -8.09 -12.65 -41.08
N GLY F 104 -7.03 -13.44 -41.04
CA GLY F 104 -6.73 -14.37 -42.12
C GLY F 104 -7.70 -15.53 -42.17
N ALA F 105 -7.34 -16.59 -42.88
CA ALA F 105 -8.22 -17.75 -43.01
C ALA F 105 -7.39 -19.02 -43.09
N THR F 106 -7.72 -20.00 -42.26
CA THR F 106 -7.08 -21.31 -42.29
C THR F 106 -7.98 -22.26 -43.07
N ARG F 107 -7.46 -22.80 -44.16
CA ARG F 107 -8.20 -23.72 -45.03
C ARG F 107 -7.83 -25.15 -44.65
N LEU F 108 -8.65 -25.76 -43.79
CA LEU F 108 -8.40 -27.12 -43.35
C LEU F 108 -8.91 -28.11 -44.40
N THR F 109 -8.00 -28.94 -44.91
CA THR F 109 -8.33 -30.00 -45.85
C THR F 109 -7.96 -31.33 -45.21
N VAL F 110 -8.97 -32.16 -44.94
CA VAL F 110 -8.76 -33.41 -44.23
C VAL F 110 -8.26 -34.47 -45.21
N LEU F 111 -7.09 -35.02 -44.93
CA LEU F 111 -6.50 -36.04 -45.79
C LEU F 111 -7.07 -37.42 -45.43
N GLY F 112 -6.69 -38.42 -46.21
CA GLY F 112 -7.11 -39.78 -45.92
C GLY F 112 -8.57 -40.06 -46.15
N GLN F 113 -9.25 -39.28 -46.99
CA GLN F 113 -10.64 -39.64 -47.25
C GLN F 113 -10.72 -40.67 -48.37
N PRO F 114 -11.75 -41.52 -48.36
CA PRO F 114 -11.82 -42.60 -49.35
C PRO F 114 -12.00 -42.08 -50.77
N LYS F 115 -11.37 -42.80 -51.70
CA LYS F 115 -11.50 -42.47 -53.11
C LYS F 115 -12.88 -42.85 -53.63
N ALA F 116 -13.56 -41.91 -54.27
CA ALA F 116 -14.91 -42.11 -54.79
C ALA F 116 -14.93 -41.89 -56.29
N ALA F 117 -15.62 -42.80 -57.01
CA ALA F 117 -15.77 -42.82 -58.46
C ALA F 117 -16.97 -42.00 -58.90
N PRO F 118 -16.91 -41.39 -60.08
CA PRO F 118 -18.01 -40.52 -60.53
C PRO F 118 -19.26 -41.33 -60.85
N SER F 119 -20.34 -40.58 -61.10
CA SER F 119 -21.62 -41.14 -61.56
C SER F 119 -22.08 -40.32 -62.77
N VAL F 120 -21.41 -40.56 -63.91
CA VAL F 120 -21.63 -39.74 -65.10
C VAL F 120 -23.00 -40.02 -65.68
N THR F 121 -23.67 -38.96 -66.12
CA THR F 121 -25.00 -39.07 -66.73
C THR F 121 -25.11 -38.02 -67.83
N LEU F 122 -25.31 -38.48 -69.06
CA LEU F 122 -25.32 -37.62 -70.24
C LEU F 122 -26.73 -37.51 -70.78
N PHE F 123 -27.13 -36.28 -71.15
CA PHE F 123 -28.45 -36.01 -71.67
C PHE F 123 -28.36 -35.47 -73.10
N PRO F 124 -29.10 -36.05 -74.05
CA PRO F 124 -29.12 -35.50 -75.40
C PRO F 124 -29.89 -34.19 -75.43
N PRO F 125 -29.80 -33.43 -76.52
CA PRO F 125 -30.60 -32.21 -76.62
C PRO F 125 -32.09 -32.54 -76.59
N SER F 126 -32.84 -31.71 -75.88
CA SER F 126 -34.28 -31.92 -75.79
C SER F 126 -34.94 -31.59 -77.13
N SER F 127 -36.14 -32.13 -77.30
CA SER F 127 -36.92 -31.81 -78.50
C SER F 127 -37.25 -30.33 -78.56
N GLU F 128 -37.62 -29.75 -77.41
CA GLU F 128 -37.97 -28.32 -77.39
C GLU F 128 -36.74 -27.46 -77.69
N GLU F 129 -35.56 -27.89 -77.24
CA GLU F 129 -34.34 -27.16 -77.56
C GLU F 129 -34.05 -27.21 -79.05
N LEU F 130 -34.10 -28.41 -79.65
CA LEU F 130 -33.90 -28.54 -81.09
C LEU F 130 -34.92 -27.73 -81.86
N GLN F 131 -36.15 -27.62 -81.35
CA GLN F 131 -37.16 -26.77 -81.99
C GLN F 131 -36.74 -25.31 -81.97
N ALA F 132 -35.94 -24.91 -80.98
CA ALA F 132 -35.45 -23.55 -80.85
C ALA F 132 -34.17 -23.31 -81.64
N ASN F 133 -33.79 -24.24 -82.52
CA ASN F 133 -32.60 -24.14 -83.35
C ASN F 133 -31.31 -24.07 -82.54
N LYS F 134 -31.35 -24.52 -81.28
CA LYS F 134 -30.18 -24.62 -80.43
C LYS F 134 -30.09 -26.03 -79.88
N ALA F 135 -28.87 -26.55 -79.74
CA ALA F 135 -28.67 -27.91 -79.27
C ALA F 135 -27.53 -27.95 -78.28
N THR F 136 -27.78 -28.51 -77.09
CA THR F 136 -26.81 -28.54 -76.02
C THR F 136 -26.77 -29.92 -75.39
N LEU F 137 -25.57 -30.49 -75.28
CA LEU F 137 -25.34 -31.69 -74.50
C LEU F 137 -24.89 -31.30 -73.10
N VAL F 138 -25.38 -32.03 -72.10
CA VAL F 138 -24.96 -31.82 -70.72
C VAL F 138 -24.41 -33.13 -70.18
N CYS F 139 -23.28 -33.05 -69.48
CA CYS F 139 -22.63 -34.21 -68.90
C CYS F 139 -22.50 -33.96 -67.40
N LEU F 140 -23.27 -34.71 -66.62
CA LEU F 140 -23.39 -34.48 -65.19
C LEU F 140 -22.55 -35.50 -64.43
N ILE F 141 -21.65 -35.00 -63.59
CA ILE F 141 -20.70 -35.81 -62.84
C ILE F 141 -20.95 -35.57 -61.36
N SER F 142 -20.98 -36.65 -60.57
CA SER F 142 -21.32 -36.52 -59.16
C SER F 142 -20.73 -37.66 -58.35
N ASP F 143 -20.65 -37.43 -57.03
CA ASP F 143 -20.31 -38.46 -56.06
C ASP F 143 -18.88 -38.99 -56.23
N PHE F 144 -17.95 -38.09 -56.52
CA PHE F 144 -16.56 -38.48 -56.68
C PHE F 144 -15.68 -37.76 -55.67
N TYR F 145 -14.52 -38.37 -55.40
CA TYR F 145 -13.50 -37.82 -54.51
C TYR F 145 -12.17 -38.47 -54.91
N PRO F 146 -11.07 -37.70 -54.99
CA PRO F 146 -10.98 -36.26 -54.71
C PRO F 146 -11.59 -35.40 -55.82
N GLY F 147 -12.06 -34.21 -55.46
CA GLY F 147 -12.69 -33.33 -56.42
C GLY F 147 -11.76 -32.80 -57.48
N ALA F 148 -11.39 -33.66 -58.44
CA ALA F 148 -10.52 -33.26 -59.54
C ALA F 148 -10.78 -34.21 -60.70
N VAL F 149 -11.42 -33.71 -61.75
CA VAL F 149 -11.81 -34.52 -62.89
C VAL F 149 -11.41 -33.81 -64.17
N THR F 150 -11.57 -34.52 -65.29
CA THR F 150 -11.28 -34.00 -66.62
C THR F 150 -12.33 -34.51 -67.58
N VAL F 151 -12.94 -33.59 -68.34
CA VAL F 151 -13.96 -33.95 -69.32
C VAL F 151 -13.36 -33.89 -70.70
N ALA F 152 -13.95 -34.65 -71.62
CA ALA F 152 -13.50 -34.68 -73.01
C ALA F 152 -14.67 -35.09 -73.88
N TRP F 153 -14.94 -34.27 -74.90
CA TRP F 153 -16.08 -34.49 -75.80
C TRP F 153 -15.57 -34.94 -77.16
N LYS F 154 -16.21 -35.97 -77.70
CA LYS F 154 -15.81 -36.56 -78.98
C LYS F 154 -17.03 -36.65 -79.89
N ALA F 155 -16.95 -35.97 -81.04
CA ALA F 155 -17.92 -36.16 -82.11
C ALA F 155 -17.56 -37.47 -82.82
N ASP F 156 -18.40 -38.49 -82.64
CA ASP F 156 -18.07 -39.84 -83.07
C ASP F 156 -16.75 -40.26 -82.45
N SER F 157 -15.70 -40.37 -83.25
CA SER F 157 -14.38 -40.71 -82.74
C SER F 157 -13.49 -39.50 -82.53
N SER F 158 -13.54 -38.53 -83.43
CA SER F 158 -12.66 -37.37 -83.34
C SER F 158 -13.02 -36.50 -82.13
N PRO F 159 -12.05 -35.80 -81.58
CA PRO F 159 -12.33 -34.94 -80.42
C PRO F 159 -13.06 -33.66 -80.82
N VAL F 160 -13.64 -33.01 -79.80
CA VAL F 160 -14.30 -31.73 -79.96
C VAL F 160 -13.95 -30.86 -78.77
N LYS F 161 -13.44 -29.65 -79.03
CA LYS F 161 -13.08 -28.71 -77.99
C LYS F 161 -13.70 -27.33 -78.15
N ALA F 162 -14.18 -26.98 -79.34
CA ALA F 162 -14.81 -25.68 -79.56
C ALA F 162 -16.26 -25.74 -79.12
N GLY F 163 -16.61 -25.01 -78.07
CA GLY F 163 -17.96 -24.95 -77.57
C GLY F 163 -18.25 -25.79 -76.36
N VAL F 164 -17.29 -25.98 -75.46
CA VAL F 164 -17.48 -26.77 -74.25
C VAL F 164 -17.25 -25.86 -73.05
N GLU F 165 -18.07 -26.06 -72.02
CA GLU F 165 -17.96 -25.32 -70.76
C GLU F 165 -18.04 -26.31 -69.61
N THR F 166 -17.18 -26.11 -68.61
CA THR F 166 -17.07 -27.07 -67.51
C THR F 166 -17.00 -26.34 -66.19
N THR F 167 -17.69 -26.89 -65.18
CA THR F 167 -17.70 -26.33 -63.84
C THR F 167 -16.54 -26.89 -63.03
N THR F 168 -15.91 -26.03 -62.23
CA THR F 168 -14.95 -26.53 -61.25
C THR F 168 -15.69 -27.29 -60.15
N PRO F 169 -15.09 -28.35 -59.63
CA PRO F 169 -15.81 -29.21 -58.67
C PRO F 169 -16.35 -28.43 -57.48
N SER F 170 -17.49 -28.90 -56.97
CA SER F 170 -18.16 -28.28 -55.83
C SER F 170 -18.61 -29.36 -54.87
N LYS F 171 -18.41 -29.10 -53.57
CA LYS F 171 -18.65 -30.12 -52.56
C LYS F 171 -20.15 -30.36 -52.37
N GLN F 172 -20.56 -31.62 -52.47
CA GLN F 172 -21.93 -32.00 -52.18
C GLN F 172 -22.14 -32.08 -50.66
N SER F 173 -23.39 -32.28 -50.27
CA SER F 173 -23.72 -32.39 -48.85
C SER F 173 -23.12 -33.63 -48.21
N ASN F 174 -22.82 -34.67 -48.99
CA ASN F 174 -22.23 -35.89 -48.48
C ASN F 174 -20.71 -35.89 -48.55
N ASN F 175 -20.09 -34.71 -48.63
CA ASN F 175 -18.65 -34.48 -48.59
C ASN F 175 -17.95 -34.96 -49.86
N LYS F 176 -18.68 -35.26 -50.93
CA LYS F 176 -18.09 -35.57 -52.22
C LYS F 176 -18.21 -34.34 -53.12
N TYR F 177 -17.82 -34.48 -54.38
CA TYR F 177 -17.80 -33.37 -55.31
C TYR F 177 -18.67 -33.67 -56.53
N ALA F 178 -18.96 -32.62 -57.30
CA ALA F 178 -19.79 -32.73 -58.49
C ALA F 178 -19.48 -31.56 -59.42
N ALA F 179 -19.63 -31.81 -60.72
CA ALA F 179 -19.39 -30.80 -61.73
C ALA F 179 -20.20 -31.14 -62.98
N SER F 180 -20.37 -30.13 -63.84
CA SER F 180 -21.14 -30.26 -65.06
C SER F 180 -20.29 -29.86 -66.26
N SER F 181 -20.67 -30.39 -67.43
CA SER F 181 -19.98 -30.10 -68.67
C SER F 181 -21.01 -29.92 -69.77
N TYR F 182 -21.03 -28.73 -70.38
CA TYR F 182 -22.02 -28.37 -71.38
C TYR F 182 -21.33 -28.20 -72.73
N LEU F 183 -21.69 -29.07 -73.68
CA LEU F 183 -21.27 -28.93 -75.06
C LEU F 183 -22.40 -28.28 -75.86
N SER F 184 -22.07 -27.20 -76.57
CA SER F 184 -23.05 -26.46 -77.36
C SER F 184 -22.73 -26.63 -78.84
N LEU F 185 -23.75 -26.93 -79.63
CA LEU F 185 -23.58 -27.15 -81.06
C LEU F 185 -24.87 -26.80 -81.78
N THR F 186 -24.74 -26.54 -83.08
CA THR F 186 -25.91 -26.28 -83.89
C THR F 186 -26.70 -27.57 -84.11
N PRO F 187 -28.03 -27.49 -84.21
CA PRO F 187 -28.83 -28.71 -84.34
C PRO F 187 -28.47 -29.55 -85.56
N MET F 188 -27.85 -28.95 -86.58
CA MET F 188 -27.38 -29.74 -87.72
C MET F 188 -26.17 -30.59 -87.32
N GLN F 189 -25.28 -30.04 -86.48
CA GLN F 189 -24.13 -30.81 -86.03
C GLN F 189 -24.58 -31.95 -85.12
N TRP F 190 -25.75 -31.82 -84.49
CA TRP F 190 -26.28 -32.92 -83.69
C TRP F 190 -26.78 -34.06 -84.57
N LYS F 191 -27.34 -33.72 -85.73
CA LYS F 191 -27.88 -34.73 -86.64
C LYS F 191 -26.83 -35.27 -87.60
N MET F 192 -25.89 -34.44 -88.04
CA MET F 192 -24.94 -34.85 -89.07
C MET F 192 -23.85 -35.77 -88.56
N HIS F 193 -23.74 -35.98 -87.26
CA HIS F 193 -22.78 -36.91 -86.70
C HIS F 193 -23.50 -38.16 -86.20
N LYS F 194 -22.71 -39.22 -85.98
CA LYS F 194 -23.29 -40.49 -85.56
C LYS F 194 -23.59 -40.48 -84.07
N SER F 195 -22.56 -40.33 -83.24
CA SER F 195 -22.73 -40.29 -81.80
C SER F 195 -21.85 -39.20 -81.20
N TYR F 196 -22.16 -38.83 -79.96
CA TYR F 196 -21.37 -37.90 -79.17
C TYR F 196 -21.08 -38.53 -77.82
N SER F 197 -19.85 -38.37 -77.35
CA SER F 197 -19.40 -39.00 -76.11
C SER F 197 -18.90 -37.94 -75.13
N CYS F 198 -19.00 -38.28 -73.85
CA CYS F 198 -18.44 -37.47 -72.76
C CYS F 198 -17.53 -38.39 -71.94
N GLN F 199 -16.23 -38.27 -72.15
CA GLN F 199 -15.25 -39.06 -71.41
C GLN F 199 -14.84 -38.29 -70.16
N VAL F 200 -15.08 -38.89 -69.00
CA VAL F 200 -14.80 -38.27 -67.70
C VAL F 200 -13.67 -39.05 -67.06
N THR F 201 -12.48 -38.46 -67.03
CA THR F 201 -11.31 -39.09 -66.43
C THR F 201 -11.12 -38.55 -65.01
N HIS F 202 -11.17 -39.44 -64.03
CA HIS F 202 -11.00 -39.07 -62.63
C HIS F 202 -9.91 -39.94 -62.03
N GLU F 203 -8.95 -39.30 -61.37
CA GLU F 203 -7.73 -39.94 -60.85
C GLU F 203 -7.00 -40.61 -62.01
N GLY F 204 -6.83 -41.93 -62.00
CA GLY F 204 -6.17 -42.63 -63.07
C GLY F 204 -7.07 -43.31 -64.07
N SER F 205 -8.39 -43.30 -63.87
CA SER F 205 -9.34 -44.00 -64.72
C SER F 205 -10.20 -43.01 -65.48
N THR F 206 -10.72 -43.45 -66.63
CA THR F 206 -11.61 -42.64 -67.44
C THR F 206 -12.89 -43.42 -67.68
N VAL F 207 -14.03 -42.80 -67.40
CA VAL F 207 -15.34 -43.38 -67.71
C VAL F 207 -15.88 -42.66 -68.95
N GLU F 208 -16.67 -43.38 -69.74
CA GLU F 208 -17.31 -42.80 -70.91
C GLU F 208 -18.80 -43.05 -70.87
N LYS F 209 -19.57 -42.03 -71.25
CA LYS F 209 -20.99 -42.14 -71.51
C LYS F 209 -21.28 -41.44 -72.83
N THR F 210 -22.05 -42.09 -73.70
CA THR F 210 -22.30 -41.58 -75.03
C THR F 210 -23.80 -41.50 -75.31
N VAL F 211 -24.15 -40.79 -76.37
CA VAL F 211 -25.54 -40.60 -76.76
C VAL F 211 -25.57 -40.29 -78.24
N ALA F 212 -26.69 -40.63 -78.89
CA ALA F 212 -26.82 -40.47 -80.33
C ALA F 212 -28.27 -40.13 -80.65
N PRO F 213 -28.53 -39.39 -81.73
CA PRO F 213 -29.91 -39.03 -82.07
C PRO F 213 -30.71 -40.21 -82.63
N THR F 214 -31.43 -40.90 -81.75
CA THR F 214 -32.31 -41.99 -82.16
C THR F 214 -33.70 -41.82 -81.57
#